data_6EUH
#
_entry.id   6EUH
#
_cell.length_a   52.180
_cell.length_b   77.200
_cell.length_c   78.690
_cell.angle_alpha   114.00
_cell.angle_beta   101.78
_cell.angle_gamma   100.78
#
_symmetry.space_group_name_H-M   'P 1'
#
loop_
_entity.id
_entity.type
_entity.pdbx_description
1 polymer Beta-glucanase
2 non-polymer (2R,3S,4R,5S)-2-(hydroxymethyl)piperidine-3,4,5-triol
3 non-polymer 'CALCIUM ION'
4 water water
#
_entity_poly.entity_id   1
_entity_poly.type   'polypeptide(L)'
_entity_poly.pdbx_seq_one_letter_code
;MGSSHHHHHHSSGLVPRGSHMASQKEKGIASGKVWRDTDGNVINAHGGGILFHEGKYYWFGEHRPASGFVTEKGINCYSS
TDLYNWKSEGIALAVSEEEGHDIEKGCIMERPKVIYNAKTGKFVMWLHLELKGQGYGPARAAVAVSDSPAGPYRFIRSGR
VNPGAYPLNMTRKERKMKWNPEEYKEWWTPKWYEAIAKGMFVKRDLKDGQMSRDMTLFVDDDGKAYHIYSSEDNLTLQIA
ELADDYLSHTGKYIRIFPGGHNEAPAIFKKEGTYWMITSGCTGWDPNKARLLTADSMLGEWKQLPNPCVGEDADKTFGGQ
STYILPLPEKGQFFFMADMWRPKSLADSRYIWLPVQFDDKGVPFIKWMDRWNFD
;
_entity_poly.pdbx_strand_id   A,B,C
#
# COMPACT_ATOMS: atom_id res chain seq x y z
N ILE A 29 -33.10 -9.48 23.18
CA ILE A 29 -32.89 -10.15 21.85
C ILE A 29 -33.24 -11.61 21.98
N ALA A 30 -34.38 -11.97 21.39
CA ALA A 30 -34.96 -13.31 21.57
C ALA A 30 -35.07 -14.00 20.24
N SER A 31 -34.00 -14.72 19.87
CA SER A 31 -33.92 -15.36 18.56
C SER A 31 -35.05 -16.36 18.29
N GLY A 32 -35.57 -16.33 17.05
CA GLY A 32 -36.61 -17.25 16.61
C GLY A 32 -38.03 -16.82 16.96
N LYS A 33 -38.22 -15.77 17.78
CA LYS A 33 -39.57 -15.29 18.13
C LYS A 33 -40.10 -14.29 17.10
N VAL A 34 -41.41 -14.02 17.15
CA VAL A 34 -42.00 -13.04 16.24
C VAL A 34 -41.55 -11.69 16.77
N TRP A 35 -40.79 -10.97 15.95
CA TRP A 35 -40.35 -9.61 16.28
C TRP A 35 -41.27 -8.61 15.59
N ARG A 36 -41.65 -7.57 16.33
CA ARG A 36 -42.53 -6.52 15.84
C ARG A 36 -41.89 -5.16 15.93
N ASP A 37 -42.26 -4.28 15.01
CA ASP A 37 -41.83 -2.89 14.98
C ASP A 37 -42.65 -2.03 15.99
N THR A 38 -42.28 -0.75 16.11
CA THR A 38 -42.99 0.19 17.03
C THR A 38 -44.50 0.36 16.77
N ASP A 39 -44.96 0.18 15.52
CA ASP A 39 -46.40 0.13 15.21
C ASP A 39 -47.10 -1.21 15.55
N GLY A 40 -46.34 -2.25 15.88
CA GLY A 40 -46.89 -3.58 16.16
C GLY A 40 -46.94 -4.53 14.99
N ASN A 41 -46.34 -4.17 13.86
CA ASN A 41 -46.32 -5.05 12.70
C ASN A 41 -45.05 -5.93 12.68
N VAL A 42 -45.17 -7.11 12.09
CA VAL A 42 -44.06 -8.08 12.07
C VAL A 42 -42.94 -7.45 11.25
N ILE A 43 -41.72 -7.44 11.80
CA ILE A 43 -40.53 -6.93 11.06
C ILE A 43 -40.32 -7.83 9.85
N ASN A 44 -40.20 -7.20 8.69
CA ASN A 44 -40.09 -7.88 7.42
C ASN A 44 -38.82 -7.40 6.77
N ALA A 45 -37.70 -8.05 7.11
CA ALA A 45 -36.39 -7.60 6.66
C ALA A 45 -35.41 -8.75 6.53
N HIS A 46 -35.63 -9.60 5.56
CA HIS A 46 -34.92 -10.85 5.52
C HIS A 46 -33.69 -10.73 4.61
N GLY A 47 -32.71 -11.58 4.87
CA GLY A 47 -31.51 -11.64 4.08
C GLY A 47 -30.76 -10.35 4.29
N GLY A 48 -30.91 -9.75 5.45
CA GLY A 48 -30.54 -8.35 5.62
C GLY A 48 -29.13 -8.06 6.14
N GLY A 49 -29.01 -6.85 6.65
CA GLY A 49 -27.80 -6.31 7.21
C GLY A 49 -28.08 -4.94 7.80
N ILE A 50 -27.13 -4.42 8.59
CA ILE A 50 -27.35 -3.27 9.45
C ILE A 50 -26.16 -2.34 9.31
N LEU A 51 -26.45 -1.04 9.33
CA LEU A 51 -25.46 0.00 9.42
C LEU A 51 -25.86 1.06 10.47
N PHE A 52 -24.84 1.74 11.01
CA PHE A 52 -25.03 2.80 12.00
C PHE A 52 -24.66 4.13 11.39
N HIS A 53 -25.53 5.14 11.52
CA HIS A 53 -25.26 6.45 10.98
C HIS A 53 -26.03 7.50 11.72
N GLU A 54 -25.34 8.57 12.09
CA GLU A 54 -25.93 9.68 12.87
C GLU A 54 -26.75 9.20 14.05
N GLY A 55 -26.18 8.33 14.87
CA GLY A 55 -26.90 7.91 16.09
C GLY A 55 -27.94 6.79 15.97
N LYS A 56 -28.17 6.27 14.75
CA LYS A 56 -29.21 5.26 14.52
C LYS A 56 -28.67 4.07 13.73
N TYR A 57 -29.16 2.89 14.12
CA TYR A 57 -28.99 1.68 13.35
C TYR A 57 -30.12 1.62 12.31
N TYR A 58 -29.74 1.22 11.11
CA TYR A 58 -30.64 1.04 9.96
C TYR A 58 -30.50 -0.41 9.49
N TRP A 59 -31.62 -1.12 9.52
CA TRP A 59 -31.69 -2.54 9.16
C TRP A 59 -32.42 -2.61 7.79
N PHE A 60 -31.71 -3.10 6.77
CA PHE A 60 -32.23 -3.28 5.40
C PHE A 60 -32.44 -4.75 5.13
N GLY A 61 -33.55 -5.10 4.50
CA GLY A 61 -33.82 -6.50 4.18
C GLY A 61 -34.92 -6.65 3.12
N GLU A 62 -35.04 -7.86 2.64
CA GLU A 62 -36.05 -8.22 1.69
C GLU A 62 -37.42 -8.12 2.33
N HIS A 63 -38.33 -7.43 1.65
CA HIS A 63 -39.75 -7.50 1.97
C HIS A 63 -40.30 -8.79 1.33
N ARG A 64 -40.62 -9.76 2.15
CA ARG A 64 -41.14 -11.04 1.65
C ARG A 64 -42.65 -11.05 1.76
N PRO A 65 -43.34 -11.67 0.81
CA PRO A 65 -44.78 -11.78 0.90
C PRO A 65 -45.18 -12.96 1.72
N ALA A 66 -46.44 -12.94 2.18
CA ALA A 66 -47.05 -14.06 2.91
C ALA A 66 -47.18 -15.36 2.09
N SER A 67 -47.41 -15.20 0.79
CA SER A 67 -47.56 -16.30 -0.14
C SER A 67 -46.68 -16.01 -1.36
N GLY A 68 -45.86 -16.99 -1.72
CA GLY A 68 -44.94 -16.87 -2.86
C GLY A 68 -43.58 -16.55 -2.32
N PHE A 69 -42.66 -16.30 -3.23
CA PHE A 69 -41.30 -16.02 -2.85
C PHE A 69 -40.80 -14.68 -3.36
N VAL A 70 -41.34 -14.20 -4.48
CA VAL A 70 -40.89 -12.95 -5.10
C VAL A 70 -41.43 -11.74 -4.32
N THR A 71 -40.57 -10.73 -4.07
CA THR A 71 -41.03 -9.47 -3.42
C THR A 71 -42.12 -8.79 -4.23
N GLU A 72 -43.16 -8.31 -3.55
CA GLU A 72 -44.12 -7.42 -4.14
C GLU A 72 -43.71 -5.95 -4.02
N LYS A 73 -42.74 -5.64 -3.15
CA LYS A 73 -42.40 -4.27 -2.74
C LYS A 73 -40.97 -3.78 -2.98
N GLY A 74 -39.98 -4.62 -2.66
CA GLY A 74 -38.55 -4.28 -2.80
C GLY A 74 -37.86 -4.52 -1.48
N ILE A 75 -36.97 -3.60 -1.13
CA ILE A 75 -36.10 -3.65 0.05
C ILE A 75 -36.65 -2.74 1.14
N ASN A 76 -36.90 -3.32 2.31
CA ASN A 76 -37.56 -2.61 3.41
C ASN A 76 -36.44 -2.11 4.30
N CYS A 77 -36.74 -1.11 5.12
CA CYS A 77 -35.80 -0.47 6.05
C CYS A 77 -36.44 -0.13 7.40
N TYR A 78 -35.72 -0.45 8.49
CA TYR A 78 -36.13 -0.16 9.85
C TYR A 78 -34.99 0.49 10.59
N SER A 79 -35.31 1.33 11.56
CA SER A 79 -34.31 2.09 12.31
C SER A 79 -34.49 1.99 13.79
N SER A 80 -33.36 2.12 14.48
CA SER A 80 -33.29 1.91 15.91
C SER A 80 -32.12 2.67 16.54
N THR A 81 -32.37 3.24 17.71
CA THR A 81 -31.31 3.80 18.57
C THR A 81 -30.59 2.69 19.37
N ASP A 82 -31.29 1.62 19.70
CA ASP A 82 -30.86 0.68 20.73
C ASP A 82 -30.71 -0.81 20.32
N LEU A 83 -31.07 -1.14 19.07
CA LEU A 83 -31.10 -2.53 18.54
C LEU A 83 -32.22 -3.43 19.07
N TYR A 84 -33.15 -2.86 19.85
CA TYR A 84 -34.33 -3.56 20.33
C TYR A 84 -35.64 -3.01 19.77
N ASN A 85 -35.79 -1.68 19.69
CA ASN A 85 -37.03 -1.07 19.23
C ASN A 85 -36.85 -0.53 17.82
N TRP A 86 -37.61 -1.11 16.88
CA TRP A 86 -37.42 -0.87 15.47
C TRP A 86 -38.62 -0.16 14.91
N LYS A 87 -38.35 0.98 14.26
CA LYS A 87 -39.32 1.83 13.62
C LYS A 87 -39.28 1.56 12.13
N SER A 88 -40.45 1.38 11.55
CA SER A 88 -40.56 1.14 10.13
C SER A 88 -40.18 2.38 9.39
N GLU A 89 -39.13 2.31 8.58
CA GLU A 89 -38.81 3.45 7.71
C GLU A 89 -39.48 3.36 6.32
N GLY A 90 -40.17 2.25 6.03
CA GLY A 90 -40.82 2.03 4.74
C GLY A 90 -39.89 1.36 3.74
N ILE A 91 -40.30 1.33 2.48
CA ILE A 91 -39.50 0.72 1.43
C ILE A 91 -38.37 1.67 1.00
N ALA A 92 -37.13 1.20 1.16
CA ALA A 92 -35.92 1.94 0.77
C ALA A 92 -35.64 1.88 -0.73
N LEU A 93 -35.68 0.69 -1.32
CA LEU A 93 -35.56 0.55 -2.74
C LEU A 93 -36.80 -0.17 -3.26
N ALA A 94 -37.66 0.56 -3.98
CA ALA A 94 -38.94 0.03 -4.45
C ALA A 94 -38.76 -0.69 -5.78
N VAL A 95 -39.54 -1.73 -6.03
CA VAL A 95 -39.73 -2.24 -7.39
C VAL A 95 -40.31 -1.15 -8.30
N SER A 96 -39.87 -1.12 -9.56
CA SER A 96 -40.35 -0.13 -10.53
C SER A 96 -41.71 -0.55 -11.08
N GLU A 97 -42.53 0.44 -11.42
CA GLU A 97 -43.80 0.23 -12.14
C GLU A 97 -43.66 0.27 -13.68
N GLU A 98 -42.48 0.67 -14.18
CA GLU A 98 -42.20 0.78 -15.62
C GLU A 98 -41.81 -0.57 -16.26
N GLU A 99 -42.58 -1.02 -17.27
CA GLU A 99 -42.34 -2.31 -17.95
C GLU A 99 -40.98 -2.32 -18.66
N GLY A 100 -40.28 -3.45 -18.59
CA GLY A 100 -38.92 -3.56 -19.11
C GLY A 100 -37.80 -3.02 -18.22
N HIS A 101 -38.12 -2.46 -17.05
CA HIS A 101 -37.08 -1.95 -16.16
C HIS A 101 -36.41 -3.14 -15.44
N ASP A 102 -35.09 -3.07 -15.20
CA ASP A 102 -34.37 -4.16 -14.50
C ASP A 102 -35.04 -4.55 -13.20
N ILE A 103 -35.61 -3.58 -12.50
CA ILE A 103 -36.27 -3.83 -11.24
C ILE A 103 -37.79 -3.66 -11.27
N GLU A 104 -38.43 -3.95 -12.39
CA GLU A 104 -39.88 -3.91 -12.43
C GLU A 104 -40.46 -4.97 -11.51
N LYS A 105 -41.63 -4.67 -10.94
CA LYS A 105 -42.33 -5.60 -10.07
C LYS A 105 -42.34 -7.03 -10.68
N GLY A 106 -41.94 -8.01 -9.89
CA GLY A 106 -41.79 -9.39 -10.35
C GLY A 106 -40.34 -9.83 -10.47
N CYS A 107 -39.39 -8.89 -10.46
CA CYS A 107 -37.96 -9.25 -10.38
C CYS A 107 -37.69 -9.84 -9.00
N ILE A 108 -36.60 -10.59 -8.89
CA ILE A 108 -36.13 -11.09 -7.59
C ILE A 108 -35.06 -10.15 -7.01
N MET A 109 -35.24 -9.77 -5.77
CA MET A 109 -34.38 -8.81 -5.09
C MET A 109 -34.00 -9.43 -3.77
N GLU A 110 -32.75 -9.92 -3.64
CA GLU A 110 -32.31 -10.62 -2.43
C GLU A 110 -31.02 -10.04 -1.86
N ARG A 111 -30.88 -10.25 -0.57
CA ARG A 111 -29.63 -9.99 0.19
C ARG A 111 -29.06 -8.61 -0.01
N PRO A 112 -29.87 -7.59 0.28
CA PRO A 112 -29.44 -6.26 0.13
C PRO A 112 -28.46 -5.91 1.22
N LYS A 113 -27.51 -5.06 0.90
CA LYS A 113 -26.54 -4.59 1.85
C LYS A 113 -26.32 -3.14 1.50
N VAL A 114 -26.17 -2.31 2.53
CA VAL A 114 -25.90 -0.91 2.33
C VAL A 114 -24.59 -0.58 2.98
N ILE A 115 -23.76 0.20 2.28
CA ILE A 115 -22.52 0.72 2.84
C ILE A 115 -22.48 2.25 2.62
N TYR A 116 -21.83 3.00 3.49
CA TYR A 116 -21.66 4.45 3.35
C TYR A 116 -20.34 4.75 2.63
N ASN A 117 -20.40 5.57 1.57
CA ASN A 117 -19.20 6.00 0.85
C ASN A 117 -18.74 7.30 1.44
N ALA A 118 -17.66 7.29 2.21
CA ALA A 118 -17.16 8.50 2.88
C ALA A 118 -16.69 9.60 1.92
N LYS A 119 -16.18 9.23 0.72
CA LYS A 119 -15.65 10.21 -0.27
C LYS A 119 -16.75 11.04 -0.91
N THR A 120 -17.86 10.39 -1.25
CA THR A 120 -18.96 11.09 -1.87
C THR A 120 -20.07 11.44 -0.88
N GLY A 121 -20.09 10.83 0.29
CA GLY A 121 -21.15 11.04 1.26
C GLY A 121 -22.49 10.39 0.92
N LYS A 122 -22.49 9.39 0.04
CA LYS A 122 -23.70 8.71 -0.38
C LYS A 122 -23.80 7.35 0.29
N PHE A 123 -25.02 6.87 0.36
CA PHE A 123 -25.30 5.51 0.78
C PHE A 123 -25.49 4.69 -0.46
N VAL A 124 -24.81 3.55 -0.53
CA VAL A 124 -24.77 2.74 -1.72
C VAL A 124 -25.32 1.37 -1.32
N MET A 125 -26.36 0.95 -2.04
CA MET A 125 -27.03 -0.36 -1.81
C MET A 125 -26.65 -1.31 -2.94
N TRP A 126 -26.10 -2.47 -2.62
CA TRP A 126 -26.00 -3.56 -3.59
C TRP A 126 -26.88 -4.75 -3.18
N LEU A 127 -27.31 -5.51 -4.18
CA LEU A 127 -28.27 -6.57 -3.98
C LEU A 127 -28.24 -7.56 -5.10
N HIS A 128 -28.76 -8.73 -4.82
CA HIS A 128 -28.84 -9.77 -5.83
C HIS A 128 -30.15 -9.54 -6.56
N LEU A 129 -30.03 -9.39 -7.89
CA LEU A 129 -31.14 -9.16 -8.80
C LEU A 129 -31.28 -10.31 -9.81
N GLU A 130 -32.49 -10.78 -9.94
CA GLU A 130 -32.85 -11.62 -11.09
C GLU A 130 -34.00 -10.92 -11.80
N LEU A 131 -33.79 -10.73 -13.10
CA LEU A 131 -34.74 -10.08 -13.99
C LEU A 131 -36.04 -10.88 -14.04
N LYS A 132 -37.14 -10.14 -14.12
CA LYS A 132 -38.47 -10.71 -14.09
C LYS A 132 -38.67 -11.76 -15.18
N GLY A 133 -39.33 -12.85 -14.81
CA GLY A 133 -39.64 -13.97 -15.70
C GLY A 133 -38.50 -14.89 -16.14
N GLN A 134 -37.32 -14.73 -15.54
CA GLN A 134 -36.14 -15.52 -15.91
C GLN A 134 -35.58 -16.43 -14.78
N GLY A 135 -36.37 -16.67 -13.73
CA GLY A 135 -35.91 -17.50 -12.61
C GLY A 135 -34.63 -16.95 -11.98
N TYR A 136 -33.68 -17.84 -11.68
CA TYR A 136 -32.40 -17.43 -11.14
C TYR A 136 -31.29 -17.40 -12.23
N GLY A 137 -31.65 -17.42 -13.51
CA GLY A 137 -30.62 -17.42 -14.55
C GLY A 137 -29.72 -16.18 -14.73
N PRO A 138 -30.30 -14.96 -14.69
CA PRO A 138 -29.47 -13.77 -14.95
C PRO A 138 -28.27 -13.62 -13.97
N ALA A 139 -28.46 -13.99 -12.71
CA ALA A 139 -27.39 -13.96 -11.71
C ALA A 139 -26.65 -12.61 -11.68
N ARG A 140 -27.41 -11.55 -11.44
CA ARG A 140 -26.87 -10.20 -11.46
C ARG A 140 -26.73 -9.60 -10.06
N ALA A 141 -25.77 -8.69 -9.94
CA ALA A 141 -25.71 -7.75 -8.83
C ALA A 141 -26.22 -6.38 -9.34
N ALA A 142 -27.02 -5.73 -8.52
CA ALA A 142 -27.52 -4.40 -8.84
C ALA A 142 -27.07 -3.41 -7.79
N VAL A 143 -27.03 -2.13 -8.17
CA VAL A 143 -26.54 -1.06 -7.33
C VAL A 143 -27.50 0.09 -7.40
N ALA A 144 -27.82 0.61 -6.22
CA ALA A 144 -28.62 1.83 -6.04
C ALA A 144 -27.97 2.82 -5.07
N VAL A 145 -28.42 4.08 -5.10
CA VAL A 145 -27.79 5.15 -4.33
C VAL A 145 -28.79 6.11 -3.70
N SER A 146 -28.43 6.61 -2.51
CA SER A 146 -29.27 7.49 -1.75
C SER A 146 -28.43 8.53 -0.97
N ASP A 147 -28.99 9.73 -0.79
CA ASP A 147 -28.38 10.79 -0.01
C ASP A 147 -28.58 10.55 1.48
N SER A 148 -29.60 9.76 1.82
CA SER A 148 -29.88 9.42 3.21
C SER A 148 -29.91 7.90 3.41
N PRO A 149 -29.62 7.46 4.64
CA PRO A 149 -29.68 6.05 4.96
C PRO A 149 -31.03 5.34 4.63
N ALA A 150 -32.18 5.92 5.00
CA ALA A 150 -33.50 5.24 4.79
C ALA A 150 -34.01 5.30 3.34
N GLY A 151 -33.45 6.19 2.52
CA GLY A 151 -33.87 6.31 1.12
C GLY A 151 -34.94 7.37 0.95
N PRO A 152 -35.57 7.42 -0.23
CA PRO A 152 -35.50 6.33 -1.23
C PRO A 152 -34.18 6.28 -2.01
N TYR A 153 -33.79 5.07 -2.44
CA TYR A 153 -32.60 4.83 -3.20
C TYR A 153 -33.00 4.92 -4.65
N ARG A 154 -32.04 5.31 -5.49
CA ARG A 154 -32.23 5.46 -6.93
C ARG A 154 -31.42 4.36 -7.57
N PHE A 155 -32.12 3.45 -8.27
CA PHE A 155 -31.49 2.37 -9.04
C PHE A 155 -30.58 2.95 -10.09
N ILE A 156 -29.41 2.35 -10.25
CA ILE A 156 -28.48 2.78 -11.23
C ILE A 156 -28.32 1.72 -12.33
N ARG A 157 -27.80 0.56 -11.98
CA ARG A 157 -27.54 -0.46 -12.99
C ARG A 157 -27.48 -1.86 -12.37
N SER A 158 -27.61 -2.85 -13.24
CA SER A 158 -27.42 -4.24 -12.88
C SER A 158 -26.59 -4.95 -13.93
N GLY A 159 -25.99 -6.07 -13.54
CA GLY A 159 -25.16 -6.86 -14.47
C GLY A 159 -24.33 -7.90 -13.79
N ARG A 160 -23.74 -8.76 -14.60
CA ARG A 160 -22.78 -9.70 -14.09
C ARG A 160 -21.50 -8.91 -13.79
N VAL A 161 -20.52 -9.53 -13.13
CA VAL A 161 -19.40 -8.82 -12.55
C VAL A 161 -18.13 -8.90 -13.42
N ASN A 162 -17.51 -7.74 -13.66
CA ASN A 162 -16.23 -7.65 -14.39
C ASN A 162 -16.17 -8.39 -15.74
N PRO A 163 -17.06 -8.02 -16.67
CA PRO A 163 -16.94 -8.60 -18.01
C PRO A 163 -15.56 -8.44 -18.58
N GLY A 164 -15.00 -9.51 -19.09
CA GLY A 164 -13.74 -9.49 -19.82
C GLY A 164 -12.48 -9.68 -18.98
N ALA A 165 -12.61 -9.78 -17.66
CA ALA A 165 -11.45 -9.86 -16.77
C ALA A 165 -11.38 -11.18 -16.05
N TYR A 166 -10.16 -11.69 -15.95
CA TYR A 166 -9.84 -12.90 -15.23
C TYR A 166 -9.63 -12.59 -13.76
N PRO A 167 -9.95 -13.55 -12.87
CA PRO A 167 -9.51 -13.45 -11.49
C PRO A 167 -7.99 -13.30 -11.39
N LEU A 168 -7.58 -12.47 -10.45
CA LEU A 168 -6.14 -12.28 -10.13
C LEU A 168 -5.34 -13.57 -9.82
N ASN A 169 -5.96 -14.46 -9.02
CA ASN A 169 -5.36 -15.75 -8.64
C ASN A 169 -5.71 -16.94 -9.59
N MET A 170 -6.19 -16.65 -10.79
CA MET A 170 -6.35 -17.67 -11.79
C MET A 170 -5.11 -17.59 -12.67
N THR A 171 -4.32 -18.68 -12.70
CA THR A 171 -2.98 -18.62 -13.29
C THR A 171 -2.99 -18.55 -14.79
N ARG A 172 -1.88 -18.11 -15.35
CA ARG A 172 -1.71 -18.14 -16.80
C ARG A 172 -2.06 -19.49 -17.46
N LYS A 173 -1.58 -20.56 -16.86
CA LYS A 173 -1.78 -21.92 -17.36
C LYS A 173 -3.27 -22.26 -17.36
N GLU A 174 -3.97 -21.89 -16.31
CA GLU A 174 -5.41 -22.10 -16.21
C GLU A 174 -6.17 -21.28 -17.23
N ARG A 175 -5.74 -20.05 -17.47
CA ARG A 175 -6.38 -19.19 -18.44
C ARG A 175 -6.22 -19.72 -19.86
N LYS A 176 -5.14 -20.44 -20.13
CA LYS A 176 -4.92 -20.99 -21.48
C LYS A 176 -5.72 -22.29 -21.77
N MET A 177 -6.42 -22.87 -20.79
CA MET A 177 -7.12 -24.14 -21.01
C MET A 177 -8.41 -24.00 -21.81
N LYS A 178 -8.75 -25.06 -22.54
CA LYS A 178 -9.97 -25.16 -23.35
C LYS A 178 -10.87 -26.22 -22.75
N TRP A 179 -12.15 -25.91 -22.63
CA TRP A 179 -13.10 -26.83 -22.04
C TRP A 179 -14.27 -27.00 -23.00
N ASN A 180 -14.35 -28.18 -23.60
CA ASN A 180 -15.42 -28.49 -24.53
C ASN A 180 -16.72 -28.74 -23.74
N PRO A 181 -17.75 -27.85 -23.89
CA PRO A 181 -19.01 -28.05 -23.14
C PRO A 181 -19.63 -29.46 -23.26
N GLU A 182 -19.49 -30.07 -24.44
CA GLU A 182 -20.00 -31.41 -24.66
C GLU A 182 -19.30 -32.52 -23.84
N GLU A 183 -18.03 -32.36 -23.46
CA GLU A 183 -17.35 -33.35 -22.61
C GLU A 183 -17.69 -33.30 -21.12
N TYR A 184 -18.34 -32.22 -20.66
CA TYR A 184 -18.53 -31.95 -19.23
C TYR A 184 -19.98 -31.65 -18.85
N LYS A 185 -20.93 -32.30 -19.51
CA LYS A 185 -22.35 -32.13 -19.20
C LYS A 185 -22.71 -32.70 -17.83
N GLU A 186 -22.13 -33.85 -17.47
CA GLU A 186 -22.46 -34.48 -16.20
C GLU A 186 -21.70 -33.80 -15.04
N TRP A 187 -22.46 -33.16 -14.19
CA TRP A 187 -21.92 -32.55 -12.98
C TRP A 187 -21.49 -33.64 -12.00
N TRP A 188 -20.47 -33.27 -11.20
CA TRP A 188 -19.99 -34.01 -10.06
C TRP A 188 -19.19 -35.25 -10.47
N THR A 189 -18.78 -35.32 -11.72
CA THR A 189 -17.78 -36.32 -12.03
C THR A 189 -16.41 -35.84 -11.52
N PRO A 190 -15.48 -36.76 -11.33
CA PRO A 190 -14.09 -36.31 -11.02
C PRO A 190 -13.51 -35.29 -12.01
N LYS A 191 -13.69 -35.48 -13.32
CA LYS A 191 -13.08 -34.52 -14.30
C LYS A 191 -13.84 -33.20 -14.29
N TRP A 192 -15.15 -33.23 -14.04
CA TRP A 192 -15.92 -31.96 -13.99
C TRP A 192 -15.49 -31.09 -12.82
N TYR A 193 -15.42 -31.72 -11.63
CA TYR A 193 -14.96 -31.04 -10.42
C TYR A 193 -13.57 -30.42 -10.62
N GLU A 194 -12.64 -31.20 -11.16
CA GLU A 194 -11.33 -30.67 -11.45
C GLU A 194 -11.39 -29.47 -12.39
N ALA A 195 -12.22 -29.59 -13.41
CA ALA A 195 -12.46 -28.48 -14.36
C ALA A 195 -13.04 -27.20 -13.72
N ILE A 196 -14.03 -27.38 -12.85
CA ILE A 196 -14.57 -26.26 -12.10
C ILE A 196 -13.48 -25.65 -11.23
N ALA A 197 -12.68 -26.49 -10.54
CA ALA A 197 -11.53 -26.02 -9.73
C ALA A 197 -10.51 -25.18 -10.52
N LYS A 198 -10.23 -25.56 -11.76
CA LYS A 198 -9.29 -24.82 -12.63
C LYS A 198 -9.95 -23.72 -13.48
N GLY A 199 -11.21 -23.39 -13.20
CA GLY A 199 -11.83 -22.22 -13.73
C GLY A 199 -12.68 -22.36 -14.97
N MET A 200 -13.18 -23.57 -15.25
CA MET A 200 -14.01 -23.82 -16.45
C MET A 200 -15.20 -22.86 -16.52
N PHE A 201 -15.92 -22.64 -15.42
CA PHE A 201 -17.05 -21.72 -15.47
C PHE A 201 -16.66 -20.23 -15.51
N VAL A 202 -15.48 -19.89 -15.01
CA VAL A 202 -14.93 -18.55 -15.14
C VAL A 202 -14.79 -18.23 -16.62
N LYS A 203 -14.14 -19.13 -17.36
CA LYS A 203 -13.96 -18.94 -18.80
C LYS A 203 -15.28 -18.89 -19.54
N ARG A 204 -16.21 -19.76 -19.16
CA ARG A 204 -17.55 -19.74 -19.73
C ARG A 204 -18.18 -18.34 -19.60
N ASP A 205 -18.04 -17.73 -18.42
CA ASP A 205 -18.75 -16.46 -18.16
C ASP A 205 -17.87 -15.23 -18.40
N LEU A 206 -16.65 -15.43 -18.90
CA LEU A 206 -15.66 -14.37 -19.03
C LEU A 206 -16.22 -13.15 -19.78
N LYS A 207 -16.88 -13.39 -20.91
CA LYS A 207 -17.27 -12.31 -21.81
C LYS A 207 -18.31 -11.41 -21.16
N ASP A 208 -19.38 -12.01 -20.65
CA ASP A 208 -20.51 -11.25 -20.13
C ASP A 208 -20.36 -10.97 -18.64
N GLY A 209 -19.35 -11.55 -18.00
CA GLY A 209 -19.03 -11.28 -16.63
C GLY A 209 -19.47 -12.40 -15.72
N GLN A 210 -18.90 -12.39 -14.53
CA GLN A 210 -19.06 -13.48 -13.59
C GLN A 210 -20.40 -13.36 -12.94
N MET A 211 -20.97 -14.52 -12.63
CA MET A 211 -22.28 -14.61 -11.99
C MET A 211 -22.21 -14.18 -10.55
N SER A 212 -23.32 -13.61 -10.04
CA SER A 212 -23.44 -13.13 -8.69
C SER A 212 -24.86 -13.40 -8.19
N ARG A 213 -24.96 -14.18 -7.14
CA ARG A 213 -26.25 -14.45 -6.55
C ARG A 213 -26.15 -14.02 -5.10
N ASP A 214 -26.04 -14.95 -4.14
CA ASP A 214 -25.86 -14.57 -2.75
C ASP A 214 -24.63 -13.67 -2.63
N MET A 215 -24.78 -12.58 -1.90
CA MET A 215 -23.73 -11.58 -1.85
C MET A 215 -23.68 -10.80 -0.57
N THR A 216 -22.51 -10.22 -0.31
CA THR A 216 -22.38 -9.18 0.74
C THR A 216 -21.30 -8.15 0.37
N LEU A 217 -21.12 -7.17 1.25
CA LEU A 217 -20.24 -6.03 1.03
C LEU A 217 -19.42 -5.91 2.26
N PHE A 218 -18.23 -5.37 2.13
CA PHE A 218 -17.40 -5.06 3.29
C PHE A 218 -16.61 -3.80 3.01
N VAL A 219 -16.62 -2.88 3.98
CA VAL A 219 -15.85 -1.66 3.84
C VAL A 219 -14.60 -1.81 4.74
N ASP A 220 -13.40 -1.76 4.16
CA ASP A 220 -12.16 -1.97 4.93
C ASP A 220 -11.75 -0.64 5.57
N ASP A 221 -10.69 -0.69 6.38
CA ASP A 221 -10.17 0.44 7.19
C ASP A 221 -9.76 1.65 6.38
N ASP A 222 -9.24 1.39 5.19
CA ASP A 222 -8.77 2.40 4.27
C ASP A 222 -9.82 2.91 3.27
N GLY A 223 -11.09 2.67 3.54
CA GLY A 223 -12.14 3.02 2.58
C GLY A 223 -12.30 2.14 1.35
N LYS A 224 -11.41 1.17 1.13
CA LYS A 224 -11.59 0.16 0.08
C LYS A 224 -12.77 -0.75 0.41
N ALA A 225 -13.70 -0.91 -0.54
CA ALA A 225 -14.90 -1.73 -0.38
C ALA A 225 -14.81 -2.90 -1.32
N TYR A 226 -15.41 -3.99 -0.86
CA TYR A 226 -15.43 -5.28 -1.57
C TYR A 226 -16.84 -5.85 -1.63
N HIS A 227 -17.11 -6.43 -2.79
CA HIS A 227 -18.32 -7.14 -3.10
C HIS A 227 -17.98 -8.64 -3.11
N ILE A 228 -18.59 -9.38 -2.19
CA ILE A 228 -18.27 -10.81 -2.02
C ILE A 228 -19.54 -11.50 -2.49
N TYR A 229 -19.39 -12.52 -3.30
CA TYR A 229 -20.56 -13.11 -3.95
C TYR A 229 -20.31 -14.56 -4.36
N SER A 230 -21.39 -15.34 -4.37
CA SER A 230 -21.34 -16.71 -4.89
CA SER A 230 -21.36 -16.70 -4.87
C SER A 230 -21.51 -16.64 -6.39
N SER A 231 -20.55 -17.23 -7.10
CA SER A 231 -20.41 -17.10 -8.53
C SER A 231 -20.28 -18.48 -9.15
N GLU A 232 -20.05 -18.53 -10.46
CA GLU A 232 -19.81 -19.80 -11.15
C GLU A 232 -20.93 -20.86 -10.84
N ASP A 233 -22.19 -20.51 -11.13
CA ASP A 233 -23.35 -21.38 -10.84
C ASP A 233 -23.48 -21.75 -9.34
N ASN A 234 -23.19 -20.79 -8.46
CA ASN A 234 -23.13 -20.99 -7.00
C ASN A 234 -21.99 -21.88 -6.46
N LEU A 235 -21.10 -22.33 -7.32
CA LEU A 235 -20.05 -23.24 -6.90
C LEU A 235 -18.85 -22.59 -6.18
N THR A 236 -18.63 -21.29 -6.42
CA THR A 236 -17.42 -20.65 -6.08
C THR A 236 -17.65 -19.24 -5.59
N LEU A 237 -16.91 -18.86 -4.55
CA LEU A 237 -16.96 -17.52 -4.02
C LEU A 237 -16.00 -16.64 -4.76
N GLN A 238 -16.43 -15.42 -5.02
CA GLN A 238 -15.55 -14.44 -5.60
C GLN A 238 -15.60 -13.18 -4.75
N ILE A 239 -14.46 -12.51 -4.70
CA ILE A 239 -14.30 -11.24 -3.93
C ILE A 239 -13.80 -10.20 -4.91
N ALA A 240 -14.62 -9.17 -5.13
CA ALA A 240 -14.27 -8.14 -6.12
C ALA A 240 -14.15 -6.78 -5.51
N GLU A 241 -13.04 -6.11 -5.80
CA GLU A 241 -12.87 -4.68 -5.42
C GLU A 241 -13.85 -3.72 -6.11
N LEU A 242 -14.41 -2.81 -5.31
CA LEU A 242 -15.31 -1.80 -5.81
C LEU A 242 -14.52 -0.54 -6.12
N ALA A 243 -14.98 0.19 -7.14
CA ALA A 243 -14.37 1.50 -7.45
C ALA A 243 -14.60 2.52 -6.32
N ASP A 244 -13.89 3.65 -6.39
CA ASP A 244 -13.83 4.61 -5.26
C ASP A 244 -15.18 5.23 -4.82
N ASP A 245 -16.16 5.26 -5.71
CA ASP A 245 -17.49 5.76 -5.31
C ASP A 245 -18.46 4.62 -4.94
N TYR A 246 -17.96 3.38 -5.01
CA TYR A 246 -18.68 2.13 -4.66
C TYR A 246 -19.80 1.77 -5.66
N LEU A 247 -19.82 2.40 -6.85
CA LEU A 247 -20.90 2.20 -7.84
C LEU A 247 -20.58 1.22 -8.97
N SER A 248 -19.34 0.74 -9.06
CA SER A 248 -18.92 -0.20 -10.08
C SER A 248 -17.78 -1.03 -9.55
N HIS A 249 -17.34 -2.01 -10.32
CA HIS A 249 -16.23 -2.83 -9.97
C HIS A 249 -14.97 -2.37 -10.70
N THR A 250 -13.80 -2.56 -10.07
CA THR A 250 -12.51 -2.14 -10.69
C THR A 250 -11.85 -3.12 -11.66
N GLY A 251 -12.30 -4.36 -11.71
CA GLY A 251 -11.67 -5.38 -12.53
C GLY A 251 -10.79 -6.31 -11.75
N LYS A 252 -10.50 -5.97 -10.50
CA LYS A 252 -9.64 -6.74 -9.68
C LYS A 252 -10.48 -7.63 -8.80
N TYR A 253 -10.26 -8.93 -8.88
CA TYR A 253 -11.02 -9.89 -8.05
C TYR A 253 -10.31 -11.19 -7.94
N ILE A 254 -10.70 -12.00 -6.96
CA ILE A 254 -10.16 -13.34 -6.77
C ILE A 254 -11.33 -14.34 -6.68
N ARG A 255 -11.00 -15.60 -6.81
CA ARG A 255 -11.97 -16.64 -6.57
C ARG A 255 -11.43 -17.61 -5.50
N ILE A 256 -12.34 -18.04 -4.62
CA ILE A 256 -11.97 -18.96 -3.55
C ILE A 256 -12.99 -20.10 -3.40
N PHE A 257 -12.45 -21.25 -2.97
CA PHE A 257 -13.22 -22.47 -2.67
C PHE A 257 -14.05 -22.94 -3.85
N PRO A 258 -13.38 -23.11 -4.99
CA PRO A 258 -14.13 -23.50 -6.16
C PRO A 258 -14.75 -24.88 -5.90
N GLY A 259 -16.03 -25.01 -6.23
CA GLY A 259 -16.80 -26.21 -5.96
C GLY A 259 -17.22 -26.37 -4.52
N GLY A 260 -16.82 -25.43 -3.66
CA GLY A 260 -17.13 -25.47 -2.26
C GLY A 260 -18.58 -25.18 -1.95
N HIS A 261 -19.35 -24.56 -2.86
CA HIS A 261 -20.77 -24.32 -2.57
C HIS A 261 -20.99 -23.50 -1.28
N ASN A 262 -20.11 -22.54 -1.07
CA ASN A 262 -20.28 -21.57 0.02
C ASN A 262 -21.35 -20.52 -0.37
N GLU A 263 -22.41 -20.41 0.43
CA GLU A 263 -23.47 -19.44 0.18
C GLU A 263 -23.65 -18.45 1.35
N ALA A 264 -24.56 -17.51 1.16
CA ALA A 264 -24.91 -16.48 2.15
C ALA A 264 -23.74 -15.96 3.02
N PRO A 265 -22.68 -15.45 2.37
CA PRO A 265 -21.50 -15.01 3.07
C PRO A 265 -21.78 -13.83 4.05
N ALA A 266 -21.09 -13.87 5.20
CA ALA A 266 -21.12 -12.83 6.24
C ALA A 266 -19.67 -12.63 6.65
N ILE A 267 -19.27 -11.37 6.78
CA ILE A 267 -17.85 -11.07 6.91
C ILE A 267 -17.59 -10.00 7.97
N PHE A 268 -16.47 -10.14 8.66
CA PHE A 268 -15.94 -9.11 9.56
C PHE A 268 -14.42 -9.17 9.71
N LYS A 269 -13.87 -8.05 10.21
CA LYS A 269 -12.45 -7.95 10.40
C LYS A 269 -12.21 -7.71 11.88
N LYS A 270 -11.25 -8.41 12.47
CA LYS A 270 -10.91 -8.20 13.87
C LYS A 270 -9.42 -8.24 14.05
N GLU A 271 -8.86 -7.12 14.50
CA GLU A 271 -7.43 -6.98 14.77
C GLU A 271 -6.60 -7.44 13.56
N GLY A 272 -6.97 -6.94 12.39
CA GLY A 272 -6.26 -7.27 11.14
C GLY A 272 -6.67 -8.54 10.43
N THR A 273 -7.39 -9.42 11.10
CA THR A 273 -7.83 -10.72 10.50
C THR A 273 -9.25 -10.69 9.96
N TYR A 274 -9.41 -11.24 8.76
CA TYR A 274 -10.71 -11.31 8.10
C TYR A 274 -11.29 -12.65 8.38
N TRP A 275 -12.55 -12.63 8.80
CA TRP A 275 -13.29 -13.85 9.12
C TRP A 275 -14.60 -13.81 8.31
N MET A 276 -14.99 -14.96 7.77
CA MET A 276 -16.20 -15.07 7.00
C MET A 276 -16.96 -16.32 7.39
N ILE A 277 -18.23 -16.13 7.72
CA ILE A 277 -19.15 -17.24 7.95
C ILE A 277 -20.03 -17.40 6.71
N THR A 278 -20.14 -18.66 6.27
CA THR A 278 -21.00 -19.04 5.17
C THR A 278 -21.80 -20.29 5.52
N SER A 279 -22.83 -20.55 4.70
CA SER A 279 -23.56 -21.80 4.72
C SER A 279 -23.12 -22.68 3.58
N GLY A 280 -23.61 -23.90 3.57
CA GLY A 280 -23.58 -24.77 2.38
C GLY A 280 -24.75 -24.44 1.44
N CYS A 281 -24.99 -25.27 0.42
CA CYS A 281 -26.01 -24.97 -0.63
C CYS A 281 -27.05 -26.10 -0.60
N THR A 282 -28.08 -25.92 0.24
CA THR A 282 -29.14 -26.91 0.41
C THR A 282 -30.51 -26.21 0.37
N GLY A 283 -30.69 -25.35 -0.63
CA GLY A 283 -31.89 -24.52 -0.78
C GLY A 283 -32.34 -23.93 0.56
N TRP A 284 -33.58 -24.19 0.96
CA TRP A 284 -34.09 -23.60 2.21
C TRP A 284 -33.71 -24.31 3.50
N ASP A 285 -33.18 -25.54 3.39
CA ASP A 285 -32.83 -26.32 4.54
C ASP A 285 -31.60 -25.76 5.27
N PRO A 286 -31.67 -25.68 6.60
CA PRO A 286 -30.48 -25.30 7.34
C PRO A 286 -29.37 -26.35 7.19
N ASN A 287 -28.12 -25.92 7.25
CA ASN A 287 -27.00 -26.82 7.10
C ASN A 287 -25.85 -26.36 7.99
N LYS A 288 -24.67 -26.93 7.78
CA LYS A 288 -23.53 -26.66 8.61
C LYS A 288 -22.86 -25.38 8.16
N ALA A 289 -22.77 -24.40 9.06
CA ALA A 289 -21.95 -23.21 8.80
C ALA A 289 -20.46 -23.59 8.57
N ARG A 290 -19.79 -22.81 7.72
CA ARG A 290 -18.36 -22.85 7.56
C ARG A 290 -17.77 -21.52 8.06
N LEU A 291 -16.50 -21.59 8.46
CA LEU A 291 -15.71 -20.45 8.91
C LEU A 291 -14.52 -20.40 8.00
N LEU A 292 -14.34 -19.24 7.36
CA LEU A 292 -13.22 -19.00 6.46
C LEU A 292 -12.42 -17.81 7.02
N THR A 293 -11.13 -17.77 6.75
CA THR A 293 -10.27 -16.73 7.30
C THR A 293 -9.13 -16.36 6.38
N ALA A 294 -8.74 -15.09 6.41
CA ALA A 294 -7.60 -14.59 5.68
C ALA A 294 -6.99 -13.39 6.37
N ASP A 295 -5.76 -13.13 5.98
CA ASP A 295 -4.98 -12.01 6.49
C ASP A 295 -4.93 -10.88 5.50
N SER A 296 -5.57 -11.07 4.36
CA SER A 296 -5.63 -10.08 3.33
C SER A 296 -6.92 -10.43 2.60
N MET A 297 -7.68 -9.43 2.16
CA MET A 297 -8.99 -9.68 1.54
C MET A 297 -8.86 -10.40 0.20
N LEU A 298 -7.84 -10.03 -0.56
CA LEU A 298 -7.54 -10.64 -1.85
C LEU A 298 -6.33 -11.60 -1.80
N GLY A 299 -5.97 -12.04 -0.61
CA GLY A 299 -4.92 -13.05 -0.42
C GLY A 299 -5.59 -14.42 -0.38
N GLU A 300 -4.87 -15.39 0.16
CA GLU A 300 -5.36 -16.76 0.22
C GLU A 300 -6.27 -16.93 1.43
N TRP A 301 -7.32 -17.73 1.25
CA TRP A 301 -8.28 -17.98 2.32
C TRP A 301 -8.23 -19.44 2.70
N LYS A 302 -8.64 -19.75 3.92
CA LYS A 302 -8.70 -21.12 4.37
C LYS A 302 -9.88 -21.34 5.28
N GLN A 303 -10.28 -22.60 5.37
CA GLN A 303 -11.50 -23.04 6.00
C GLN A 303 -11.17 -23.62 7.33
N LEU A 304 -11.99 -23.24 8.31
CA LEU A 304 -11.84 -23.64 9.68
C LEU A 304 -13.14 -24.40 10.03
N PRO A 305 -13.17 -25.16 11.14
CA PRO A 305 -14.40 -25.89 11.53
C PRO A 305 -15.64 -25.01 11.74
N ASN A 306 -16.83 -25.59 11.60
CA ASN A 306 -18.08 -24.95 11.92
C ASN A 306 -17.91 -24.05 13.18
N PRO A 307 -18.19 -22.73 13.06
CA PRO A 307 -18.04 -21.88 14.22
C PRO A 307 -19.21 -21.98 15.20
N CYS A 308 -20.34 -22.58 14.79
CA CYS A 308 -21.43 -22.83 15.74
C CYS A 308 -21.08 -23.97 16.69
N VAL A 309 -21.44 -23.83 17.95
CA VAL A 309 -21.10 -24.85 18.95
C VAL A 309 -22.32 -25.11 19.81
N GLY A 310 -22.44 -26.34 20.27
CA GLY A 310 -23.57 -26.78 21.10
C GLY A 310 -24.64 -27.48 20.29
N GLU A 311 -25.78 -27.70 20.94
CA GLU A 311 -26.87 -28.46 20.34
C GLU A 311 -27.42 -27.72 19.11
N ASP A 312 -27.70 -28.47 18.05
CA ASP A 312 -28.21 -27.93 16.79
C ASP A 312 -27.18 -27.12 15.95
N ALA A 313 -25.92 -27.02 16.39
CA ALA A 313 -24.87 -26.25 15.66
C ALA A 313 -24.61 -26.84 14.28
N ASP A 314 -24.79 -28.14 14.16
CA ASP A 314 -24.72 -28.79 12.85
C ASP A 314 -25.79 -28.30 11.85
N LYS A 315 -26.74 -27.49 12.32
CA LYS A 315 -27.76 -26.93 11.49
C LYS A 315 -27.76 -25.40 11.61
N THR A 316 -26.67 -24.82 12.13
CA THR A 316 -26.60 -23.39 12.36
C THR A 316 -27.82 -22.86 13.16
N PHE A 317 -28.25 -23.65 14.15
CA PHE A 317 -29.40 -23.37 15.04
C PHE A 317 -30.75 -23.17 14.32
N GLY A 318 -30.89 -23.88 13.21
CA GLY A 318 -32.02 -23.76 12.31
C GLY A 318 -31.96 -22.56 11.37
N GLY A 319 -30.79 -21.91 11.23
CA GLY A 319 -30.71 -20.67 10.45
C GLY A 319 -29.69 -20.65 9.35
N GLN A 320 -29.60 -19.51 8.69
CA GLN A 320 -28.61 -19.25 7.62
C GLN A 320 -28.06 -17.85 7.81
N SER A 321 -26.73 -17.75 7.83
CA SER A 321 -25.99 -16.51 7.90
C SER A 321 -26.55 -15.42 6.98
N THR A 322 -26.65 -14.21 7.49
CA THR A 322 -26.88 -13.04 6.64
C THR A 322 -25.90 -11.87 6.85
N TYR A 323 -25.47 -11.60 8.09
CA TYR A 323 -24.64 -10.40 8.32
C TYR A 323 -23.91 -10.57 9.63
N ILE A 324 -22.75 -9.95 9.73
CA ILE A 324 -22.04 -9.78 11.04
C ILE A 324 -21.93 -8.28 11.33
N LEU A 325 -22.66 -7.81 12.34
CA LEU A 325 -22.62 -6.39 12.69
C LEU A 325 -21.46 -6.13 13.69
N PRO A 326 -20.44 -5.36 13.30
CA PRO A 326 -19.54 -4.87 14.34
C PRO A 326 -20.17 -3.80 15.24
N LEU A 327 -19.80 -3.83 16.51
CA LEU A 327 -20.11 -2.81 17.49
C LEU A 327 -18.69 -2.29 17.92
N PRO A 328 -18.11 -1.36 17.11
CA PRO A 328 -16.66 -1.06 17.31
C PRO A 328 -16.35 -0.33 18.61
N GLU A 329 -17.33 0.41 19.13
CA GLU A 329 -17.22 0.98 20.48
C GLU A 329 -16.97 -0.01 21.60
N LYS A 330 -17.43 -1.24 21.43
CA LYS A 330 -17.22 -2.29 22.45
C LYS A 330 -16.24 -3.37 22.02
N GLY A 331 -15.67 -3.29 20.81
CA GLY A 331 -14.79 -4.34 20.30
C GLY A 331 -15.48 -5.71 20.10
N GLN A 332 -16.80 -5.68 19.87
CA GLN A 332 -17.66 -6.85 19.77
C GLN A 332 -18.30 -6.95 18.39
N PHE A 333 -18.87 -8.10 18.11
CA PHE A 333 -19.49 -8.41 16.81
C PHE A 333 -20.66 -9.33 17.11
N PHE A 334 -21.73 -9.25 16.32
CA PHE A 334 -22.90 -10.06 16.51
CA PHE A 334 -22.83 -10.16 16.50
C PHE A 334 -23.32 -10.67 15.17
N PHE A 335 -23.75 -11.90 15.23
CA PHE A 335 -24.07 -12.70 14.09
C PHE A 335 -25.55 -12.63 13.85
N MET A 336 -25.93 -12.22 12.64
CA MET A 336 -27.32 -12.17 12.20
C MET A 336 -27.57 -13.32 11.23
N ALA A 337 -28.67 -14.01 11.43
CA ALA A 337 -29.11 -15.05 10.51
C ALA A 337 -30.61 -14.97 10.29
N ASP A 338 -31.05 -15.66 9.23
CA ASP A 338 -32.44 -15.91 8.97
C ASP A 338 -32.85 -17.34 9.34
N MET A 339 -34.03 -17.48 9.97
CA MET A 339 -34.63 -18.77 10.19
C MET A 339 -35.74 -18.80 9.14
N TRP A 340 -35.40 -19.42 8.01
CA TRP A 340 -36.26 -19.43 6.84
C TRP A 340 -37.42 -20.41 7.03
N ARG A 341 -38.63 -19.91 6.75
CA ARG A 341 -39.81 -20.73 6.63
C ARG A 341 -40.34 -20.76 5.20
N PRO A 342 -39.91 -21.77 4.41
CA PRO A 342 -40.29 -21.77 3.00
C PRO A 342 -41.83 -21.84 2.75
N LYS A 343 -42.56 -22.56 3.61
CA LYS A 343 -44.04 -22.62 3.60
C LYS A 343 -44.74 -21.23 3.61
N SER A 344 -44.17 -20.28 4.33
CA SER A 344 -44.63 -18.88 4.26
C SER A 344 -43.52 -17.99 4.70
N LEU A 345 -42.91 -17.28 3.76
CA LEU A 345 -41.61 -16.65 4.00
C LEU A 345 -41.67 -15.39 4.83
N ALA A 346 -42.80 -14.69 4.82
CA ALA A 346 -43.03 -13.62 5.77
C ALA A 346 -42.95 -14.07 7.22
N ASP A 347 -43.22 -15.35 7.49
CA ASP A 347 -43.10 -15.88 8.87
C ASP A 347 -41.68 -16.32 9.28
N SER A 348 -40.72 -16.23 8.35
CA SER A 348 -39.32 -16.43 8.71
C SER A 348 -38.87 -15.52 9.87
N ARG A 349 -38.05 -16.04 10.76
CA ARG A 349 -37.65 -15.33 11.97
C ARG A 349 -36.19 -14.92 11.88
N TYR A 350 -35.68 -14.33 12.95
CA TYR A 350 -34.33 -13.77 12.99
C TYR A 350 -33.56 -14.38 14.15
N ILE A 351 -32.38 -14.90 13.86
CA ILE A 351 -31.44 -15.35 14.88
C ILE A 351 -30.28 -14.35 14.95
N TRP A 352 -30.15 -13.70 16.12
CA TRP A 352 -29.05 -12.78 16.39
C TRP A 352 -28.36 -13.23 17.68
N LEU A 353 -27.07 -13.53 17.60
CA LEU A 353 -26.29 -14.10 18.70
C LEU A 353 -24.98 -13.39 18.80
N PRO A 354 -24.45 -13.18 20.02
CA PRO A 354 -23.07 -12.67 20.15
C PRO A 354 -22.00 -13.54 19.50
N VAL A 355 -21.06 -12.92 18.79
CA VAL A 355 -19.84 -13.65 18.42
C VAL A 355 -18.87 -13.63 19.61
N GLN A 356 -18.43 -14.82 20.02
CA GLN A 356 -17.49 -15.04 21.09
C GLN A 356 -16.16 -15.45 20.44
N PHE A 357 -15.06 -15.40 21.19
CA PHE A 357 -13.74 -15.81 20.69
C PHE A 357 -13.07 -16.74 21.67
N ASP A 358 -12.46 -17.80 21.15
CA ASP A 358 -11.79 -18.77 22.02
C ASP A 358 -10.40 -18.25 22.38
N ASP A 359 -9.66 -19.07 23.13
CA ASP A 359 -8.33 -18.67 23.59
C ASP A 359 -7.31 -18.47 22.45
N LYS A 360 -7.60 -18.93 21.24
CA LYS A 360 -6.71 -18.62 20.09
C LYS A 360 -7.23 -17.46 19.20
N GLY A 361 -8.31 -16.81 19.62
CA GLY A 361 -8.89 -15.72 18.89
C GLY A 361 -9.80 -16.14 17.76
N VAL A 362 -10.25 -17.38 17.77
CA VAL A 362 -11.10 -17.91 16.70
C VAL A 362 -12.57 -17.71 17.10
N PRO A 363 -13.39 -17.17 16.21
CA PRO A 363 -14.79 -16.89 16.57
C PRO A 363 -15.64 -18.13 16.71
N PHE A 364 -16.55 -18.14 17.68
CA PHE A 364 -17.54 -19.18 17.79
C PHE A 364 -18.82 -18.53 18.25
N ILE A 365 -19.90 -19.25 18.03
CA ILE A 365 -21.23 -18.75 18.27
C ILE A 365 -21.99 -19.82 19.05
N LYS A 366 -22.63 -19.41 20.14
CA LYS A 366 -23.50 -20.26 20.95
C LYS A 366 -24.88 -19.65 20.98
N TRP A 367 -25.89 -20.51 21.05
CA TRP A 367 -27.27 -20.10 21.26
C TRP A 367 -27.47 -19.53 22.62
N MET A 368 -28.26 -18.45 22.70
CA MET A 368 -28.88 -17.97 23.95
C MET A 368 -30.34 -17.58 23.64
N ASP A 369 -31.26 -17.98 24.50
CA ASP A 369 -32.68 -17.71 24.25
C ASP A 369 -32.97 -16.23 24.25
N ARG A 370 -32.34 -15.52 25.19
CA ARG A 370 -32.57 -14.11 25.40
C ARG A 370 -31.28 -13.53 25.91
N TRP A 371 -30.75 -12.50 25.27
CA TRP A 371 -29.54 -11.84 25.75
C TRP A 371 -29.64 -10.32 25.53
N ASN A 372 -28.78 -9.56 26.21
CA ASN A 372 -28.80 -8.09 26.21
C ASN A 372 -27.46 -7.53 25.81
N PHE A 373 -27.46 -6.34 25.22
CA PHE A 373 -26.21 -5.70 24.74
C PHE A 373 -25.38 -5.16 25.92
N ILE B 29 23.55 -8.99 20.34
CA ILE B 29 22.30 -8.29 20.80
C ILE B 29 21.41 -9.27 21.55
N ALA B 30 21.33 -9.10 22.87
CA ALA B 30 20.65 -10.02 23.77
C ALA B 30 19.48 -9.33 24.47
N SER B 31 18.28 -9.48 23.96
CA SER B 31 17.13 -8.75 24.50
C SER B 31 16.71 -9.22 25.90
N GLY B 32 16.21 -8.29 26.71
CA GLY B 32 15.80 -8.56 28.09
C GLY B 32 16.89 -8.55 29.16
N LYS B 33 18.18 -8.59 28.76
CA LYS B 33 19.30 -8.59 29.71
C LYS B 33 19.64 -7.18 30.16
N VAL B 34 20.51 -7.09 31.17
CA VAL B 34 20.98 -5.77 31.60
C VAL B 34 22.06 -5.36 30.61
N TRP B 35 21.91 -4.18 29.98
CA TRP B 35 22.89 -3.69 29.03
C TRP B 35 23.63 -2.56 29.67
N ARG B 36 24.96 -2.57 29.58
CA ARG B 36 25.81 -1.54 30.19
C ARG B 36 26.60 -0.83 29.13
N ASP B 37 26.89 0.44 29.39
CA ASP B 37 27.73 1.28 28.51
C ASP B 37 29.25 0.95 28.67
N THR B 38 30.12 1.70 28.01
CA THR B 38 31.56 1.36 28.00
C THR B 38 32.27 1.65 29.35
N ASP B 39 31.60 2.39 30.25
CA ASP B 39 32.03 2.60 31.63
C ASP B 39 31.38 1.60 32.61
N GLY B 40 30.64 0.60 32.11
CA GLY B 40 30.01 -0.41 32.97
C GLY B 40 28.75 0.01 33.72
N ASN B 41 28.24 1.20 33.43
CA ASN B 41 26.97 1.69 33.97
C ASN B 41 25.75 1.26 33.14
N VAL B 42 24.64 1.00 33.83
CA VAL B 42 23.38 0.59 33.15
C VAL B 42 22.97 1.60 32.07
N ILE B 43 22.60 1.13 30.88
CA ILE B 43 22.15 2.07 29.83
C ILE B 43 20.76 2.58 30.23
N ASN B 44 20.64 3.89 30.29
CA ASN B 44 19.39 4.58 30.68
C ASN B 44 18.87 5.43 29.51
N ALA B 45 18.14 4.81 28.59
CA ALA B 45 17.63 5.47 27.36
C ALA B 45 16.33 4.84 26.86
N HIS B 46 15.27 5.12 27.61
CA HIS B 46 13.99 4.46 27.39
C HIS B 46 13.10 5.31 26.47
N GLY B 47 12.20 4.64 25.75
CA GLY B 47 11.28 5.28 24.84
C GLY B 47 12.04 5.87 23.67
N GLY B 48 13.13 5.24 23.27
CA GLY B 48 14.15 5.88 22.49
C GLY B 48 13.97 5.79 21.00
N GLY B 49 14.92 6.37 20.30
CA GLY B 49 15.12 6.19 18.89
C GLY B 49 16.60 6.40 18.60
N ILE B 50 16.98 6.02 17.39
CA ILE B 50 18.35 6.02 16.94
C ILE B 50 18.46 6.80 15.63
N LEU B 51 19.55 7.52 15.49
CA LEU B 51 19.93 8.09 14.21
C LEU B 51 21.37 7.70 13.89
N PHE B 52 21.66 7.52 12.62
CA PHE B 52 23.03 7.28 12.20
C PHE B 52 23.58 8.56 11.58
N HIS B 53 24.75 8.96 12.03
CA HIS B 53 25.37 10.17 11.47
C HIS B 53 26.85 10.12 11.56
N GLU B 54 27.51 10.43 10.44
CA GLU B 54 28.97 10.40 10.32
C GLU B 54 29.60 9.15 10.90
N GLY B 55 29.06 7.99 10.54
CA GLY B 55 29.66 6.72 10.96
C GLY B 55 29.31 6.21 12.36
N LYS B 56 28.41 6.90 13.07
CA LYS B 56 28.09 6.54 14.46
C LYS B 56 26.58 6.50 14.62
N TYR B 57 26.09 5.51 15.37
CA TYR B 57 24.70 5.46 15.82
C TYR B 57 24.58 6.23 17.11
N TYR B 58 23.53 7.06 17.22
CA TYR B 58 23.24 7.88 18.38
C TYR B 58 21.86 7.46 18.86
N TRP B 59 21.82 6.91 20.07
CA TRP B 59 20.61 6.44 20.74
C TRP B 59 20.22 7.48 21.71
N PHE B 60 19.08 8.10 21.50
CA PHE B 60 18.53 9.03 22.47
C PHE B 60 17.36 8.37 23.18
N GLY B 61 17.22 8.63 24.46
CA GLY B 61 16.07 8.17 25.23
C GLY B 61 15.88 8.85 26.57
N GLU B 62 14.79 8.48 27.22
CA GLU B 62 14.41 9.05 28.51
C GLU B 62 15.41 8.51 29.54
N HIS B 63 16.04 9.40 30.29
CA HIS B 63 16.78 9.00 31.50
C HIS B 63 15.68 8.82 32.60
N ARG B 64 15.43 7.58 32.99
CA ARG B 64 14.37 7.31 33.96
C ARG B 64 15.00 7.16 35.36
N PRO B 65 14.21 7.49 36.38
CA PRO B 65 14.68 7.31 37.77
C PRO B 65 14.61 5.86 38.25
N ALA B 66 15.21 5.61 39.41
CA ALA B 66 15.23 4.27 39.96
C ALA B 66 13.88 3.87 40.56
N SER B 67 13.16 4.86 41.03
CA SER B 67 11.77 4.68 41.44
C SER B 67 11.06 5.95 41.02
N GLY B 68 9.74 5.93 41.02
CA GLY B 68 8.96 7.06 40.53
C GLY B 68 8.97 7.00 39.00
N PHE B 69 8.50 8.09 38.41
CA PHE B 69 8.28 8.12 36.95
C PHE B 69 9.01 9.23 36.25
N VAL B 70 8.90 10.43 36.80
CA VAL B 70 9.41 11.62 36.17
C VAL B 70 10.96 11.61 36.09
N THR B 71 11.48 12.03 34.95
CA THR B 71 12.92 12.15 34.84
C THR B 71 13.43 13.24 35.77
N GLU B 72 14.58 12.99 36.37
CA GLU B 72 15.28 13.99 37.17
C GLU B 72 16.33 14.70 36.30
N LYS B 73 16.58 14.21 35.09
CA LYS B 73 17.68 14.69 34.26
C LYS B 73 17.28 15.19 32.86
N GLY B 74 16.43 14.42 32.15
CA GLY B 74 15.95 14.77 30.81
C GLY B 74 16.21 13.65 29.82
N ILE B 75 16.84 13.95 28.67
CA ILE B 75 16.98 13.02 27.56
C ILE B 75 18.45 12.63 27.43
N ASN B 76 18.75 11.35 27.53
CA ASN B 76 20.10 10.77 27.52
C ASN B 76 20.55 10.43 26.11
N CYS B 77 21.84 10.22 25.91
CA CYS B 77 22.38 9.89 24.56
C CYS B 77 23.57 8.94 24.68
N TYR B 78 23.61 7.89 23.89
CA TYR B 78 24.70 6.92 23.88
C TYR B 78 25.13 6.84 22.46
N SER B 79 26.40 6.47 22.20
CA SER B 79 26.90 6.37 20.83
C SER B 79 27.58 5.05 20.60
N SER B 80 27.52 4.61 19.36
CA SER B 80 28.14 3.35 18.98
C SER B 80 28.56 3.39 17.53
N THR B 81 29.64 2.67 17.19
CA THR B 81 29.97 2.43 15.80
C THR B 81 29.38 1.11 15.29
N ASP B 82 28.96 0.20 16.17
CA ASP B 82 28.60 -1.20 15.79
C ASP B 82 27.24 -1.75 16.31
N LEU B 83 26.45 -0.92 17.01
CA LEU B 83 25.21 -1.33 17.71
C LEU B 83 25.36 -2.34 18.88
N TYR B 84 26.59 -2.72 19.22
CA TYR B 84 26.87 -3.61 20.34
C TYR B 84 27.41 -2.83 21.56
N ASN B 85 28.38 -1.94 21.34
CA ASN B 85 29.09 -1.22 22.41
C ASN B 85 28.70 0.26 22.46
N TRP B 86 28.16 0.70 23.60
CA TRP B 86 27.55 2.02 23.72
C TRP B 86 28.37 2.89 24.66
N LYS B 87 28.84 4.03 24.17
CA LYS B 87 29.51 5.04 24.97
C LYS B 87 28.45 6.07 25.42
N SER B 88 28.40 6.38 26.71
CA SER B 88 27.58 7.50 27.19
C SER B 88 28.13 8.84 26.69
N GLU B 89 27.27 9.63 26.05
CA GLU B 89 27.61 10.94 25.57
C GLU B 89 27.10 12.05 26.49
N GLY B 90 26.29 11.72 27.49
CA GLY B 90 25.77 12.69 28.45
C GLY B 90 24.31 12.96 28.19
N ILE B 91 23.72 13.77 29.07
CA ILE B 91 22.42 14.33 28.80
C ILE B 91 22.40 15.26 27.56
N ALA B 92 21.60 14.89 26.56
CA ALA B 92 21.51 15.66 25.32
C ALA B 92 20.55 16.86 25.47
N LEU B 93 19.41 16.65 26.13
CA LEU B 93 18.45 17.70 26.44
C LEU B 93 18.16 17.64 27.92
N ALA B 94 18.74 18.61 28.62
CA ALA B 94 18.68 18.75 30.06
C ALA B 94 17.37 19.41 30.49
N VAL B 95 16.76 18.89 31.55
CA VAL B 95 15.71 19.69 32.20
C VAL B 95 16.31 21.00 32.71
N SER B 96 15.50 22.05 32.74
CA SER B 96 15.99 23.38 33.04
C SER B 96 16.02 23.64 34.55
N GLU B 97 16.99 24.46 34.97
CA GLU B 97 17.07 25.00 36.33
C GLU B 97 16.22 26.28 36.49
N GLU B 98 15.76 26.86 35.39
CA GLU B 98 15.02 28.14 35.40
C GLU B 98 13.52 27.96 35.71
N GLU B 99 13.01 28.63 36.74
CA GLU B 99 11.58 28.50 37.14
C GLU B 99 10.67 29.09 36.08
N GLY B 100 9.48 28.51 35.97
CA GLY B 100 8.52 28.90 34.96
C GLY B 100 8.74 28.40 33.53
N HIS B 101 9.91 27.86 33.20
CA HIS B 101 10.17 27.38 31.83
C HIS B 101 9.47 26.05 31.57
N ASP B 102 9.19 25.74 30.30
CA ASP B 102 8.47 24.51 29.92
C ASP B 102 9.22 23.24 30.28
N ILE B 103 10.54 23.26 30.10
CA ILE B 103 11.37 22.12 30.42
C ILE B 103 12.02 22.17 31.82
N GLU B 104 11.51 22.98 32.75
CA GLU B 104 12.06 23.01 34.13
C GLU B 104 11.92 21.64 34.80
N LYS B 105 12.83 21.33 35.73
CA LYS B 105 12.87 20.03 36.44
C LYS B 105 11.50 19.79 37.06
N GLY B 106 11.00 18.56 36.90
CA GLY B 106 9.63 18.20 37.34
C GLY B 106 8.64 18.05 36.17
N CYS B 107 8.97 18.65 35.02
CA CYS B 107 8.26 18.36 33.77
C CYS B 107 8.45 16.84 33.38
N ILE B 108 7.54 16.32 32.57
CA ILE B 108 7.60 14.95 32.03
C ILE B 108 8.10 15.07 30.59
N MET B 109 9.24 14.44 30.31
CA MET B 109 9.84 14.33 28.95
C MET B 109 9.87 12.87 28.48
N GLU B 110 9.14 12.56 27.40
CA GLU B 110 8.98 11.19 26.93
C GLU B 110 9.21 11.02 25.41
N ARG B 111 9.63 9.83 24.99
CA ARG B 111 9.65 9.42 23.59
C ARG B 111 10.36 10.38 22.64
N PRO B 112 11.58 10.82 23.02
CA PRO B 112 12.41 11.67 22.16
C PRO B 112 12.78 11.00 20.84
N LYS B 113 12.83 11.80 19.77
CA LYS B 113 13.26 11.32 18.47
C LYS B 113 14.07 12.44 17.87
N VAL B 114 15.15 12.08 17.19
CA VAL B 114 16.03 13.05 16.57
C VAL B 114 16.13 12.70 15.08
N ILE B 115 16.04 13.74 14.24
CA ILE B 115 16.23 13.62 12.80
C ILE B 115 17.24 14.67 12.33
N TYR B 116 18.01 14.35 11.31
CA TYR B 116 18.94 15.29 10.70
C TYR B 116 18.37 15.99 9.47
N ASN B 117 18.45 17.32 9.47
CA ASN B 117 17.97 18.12 8.36
C ASN B 117 19.17 18.32 7.43
N ALA B 118 19.08 17.79 6.23
CA ALA B 118 20.20 17.86 5.26
C ALA B 118 20.48 19.28 4.71
N LYS B 119 19.47 20.15 4.74
CA LYS B 119 19.60 21.53 4.21
C LYS B 119 20.26 22.43 5.25
N THR B 120 19.63 22.58 6.40
CA THR B 120 20.14 23.45 7.47
C THR B 120 21.34 22.85 8.16
N GLY B 121 21.52 21.55 8.05
CA GLY B 121 22.55 20.86 8.80
C GLY B 121 22.33 20.77 10.29
N LYS B 122 21.08 20.93 10.77
CA LYS B 122 20.71 20.85 12.20
C LYS B 122 20.13 19.49 12.60
N PHE B 123 20.35 19.14 13.84
CA PHE B 123 19.74 17.98 14.45
C PHE B 123 18.56 18.50 15.20
N VAL B 124 17.39 17.93 14.92
CA VAL B 124 16.12 18.43 15.46
C VAL B 124 15.54 17.31 16.31
N MET B 125 15.35 17.61 17.60
CA MET B 125 14.76 16.64 18.55
C MET B 125 13.33 17.04 18.76
N TRP B 126 12.39 16.09 18.58
CA TRP B 126 11.01 16.29 19.03
C TRP B 126 10.72 15.31 20.15
N LEU B 127 9.84 15.70 21.06
CA LEU B 127 9.52 14.87 22.19
C LEU B 127 8.16 15.25 22.78
N HIS B 128 7.60 14.29 23.49
CA HIS B 128 6.39 14.50 24.27
C HIS B 128 6.77 15.22 25.57
N LEU B 129 6.19 16.41 25.77
CA LEU B 129 6.32 17.20 26.99
C LEU B 129 4.98 17.37 27.73
N GLU B 130 5.03 17.26 29.05
CA GLU B 130 3.96 17.68 29.94
C GLU B 130 4.57 18.63 30.94
N LEU B 131 3.94 19.78 31.11
CA LEU B 131 4.41 20.80 32.03
C LEU B 131 4.39 20.34 33.50
N LYS B 132 5.40 20.77 34.26
CA LYS B 132 5.53 20.52 35.71
C LYS B 132 4.21 20.73 36.48
N GLY B 133 3.81 19.75 37.28
CA GLY B 133 2.63 19.90 38.11
C GLY B 133 1.29 19.81 37.40
N GLN B 134 1.29 19.34 36.14
CA GLN B 134 0.03 19.34 35.35
C GLN B 134 -0.38 17.96 34.82
N GLY B 135 0.23 16.91 35.39
CA GLY B 135 -0.05 15.53 35.00
C GLY B 135 0.17 15.33 33.52
N TYR B 136 -0.74 14.63 32.86
CA TYR B 136 -0.69 14.48 31.40
C TYR B 136 -1.69 15.41 30.66
N GLY B 137 -2.20 16.45 31.33
CA GLY B 137 -3.15 17.41 30.72
C GLY B 137 -2.63 18.16 29.49
N PRO B 138 -1.44 18.80 29.58
CA PRO B 138 -0.99 19.68 28.52
C PRO B 138 -0.94 19.02 27.13
N ALA B 139 -0.49 17.76 27.11
CA ALA B 139 -0.36 16.99 25.88
C ALA B 139 0.39 17.71 24.75
N ARG B 140 1.63 18.12 25.04
CA ARG B 140 2.39 18.94 24.11
C ARG B 140 3.51 18.21 23.41
N ALA B 141 3.85 18.68 22.22
CA ALA B 141 5.07 18.27 21.50
C ALA B 141 6.05 19.40 21.68
N ALA B 142 7.30 19.05 21.90
CA ALA B 142 8.34 20.06 22.20
C ALA B 142 9.41 19.85 21.18
N VAL B 143 10.03 20.92 20.69
CA VAL B 143 11.13 20.78 19.76
C VAL B 143 12.39 21.43 20.34
N ALA B 144 13.54 20.78 20.12
CA ALA B 144 14.83 21.32 20.44
C ALA B 144 15.78 21.07 19.27
N VAL B 145 16.81 21.91 19.15
CA VAL B 145 17.77 21.91 18.03
C VAL B 145 19.22 21.95 18.53
N SER B 146 20.12 21.29 17.76
CA SER B 146 21.55 21.29 18.01
C SER B 146 22.36 21.18 16.70
N ASP B 147 23.56 21.72 16.75
CA ASP B 147 24.48 21.70 15.60
C ASP B 147 25.19 20.36 15.53
N SER B 148 25.22 19.59 16.63
CA SER B 148 25.93 18.33 16.64
C SER B 148 24.98 17.23 17.13
N PRO B 149 25.25 15.97 16.79
CA PRO B 149 24.31 14.88 17.16
C PRO B 149 24.05 14.71 18.68
N ALA B 150 25.11 14.68 19.48
CA ALA B 150 25.00 14.50 20.95
C ALA B 150 24.52 15.72 21.74
N GLY B 151 24.63 16.91 21.16
CA GLY B 151 24.12 18.12 21.78
C GLY B 151 25.25 18.98 22.35
N PRO B 152 24.96 19.85 23.32
CA PRO B 152 23.64 19.98 23.95
C PRO B 152 22.56 20.54 23.03
N TYR B 153 21.31 20.12 23.24
CA TYR B 153 20.19 20.62 22.47
C TYR B 153 19.66 21.87 23.16
N ARG B 154 19.27 22.84 22.34
CA ARG B 154 18.61 24.06 22.80
C ARG B 154 17.12 23.94 22.57
N PHE B 155 16.35 23.89 23.66
CA PHE B 155 14.88 23.97 23.58
C PHE B 155 14.41 25.22 22.85
N ILE B 156 13.43 25.04 21.95
CA ILE B 156 12.83 26.14 21.21
C ILE B 156 11.43 26.49 21.74
N ARG B 157 10.52 25.51 21.67
CA ARG B 157 9.14 25.70 22.13
C ARG B 157 8.35 24.40 22.25
N SER B 158 7.24 24.51 22.96
CA SER B 158 6.30 23.44 23.12
C SER B 158 4.87 23.95 22.86
N GLY B 159 4.01 23.01 22.53
CA GLY B 159 2.60 23.33 22.21
C GLY B 159 1.86 22.14 21.62
N ARG B 160 0.53 22.25 21.63
CA ARG B 160 -0.32 21.34 20.88
C ARG B 160 -0.10 21.65 19.41
N VAL B 161 -0.63 20.81 18.53
CA VAL B 161 -0.19 20.80 17.13
C VAL B 161 -1.20 21.42 16.18
N ASN B 162 -0.71 22.33 15.31
CA ASN B 162 -1.48 22.98 14.22
C ASN B 162 -2.76 23.68 14.75
N PRO B 163 -2.59 24.70 15.59
CA PRO B 163 -3.78 25.37 16.10
C PRO B 163 -4.62 25.93 14.95
N GLY B 164 -5.94 25.75 15.03
CA GLY B 164 -6.85 26.27 14.01
C GLY B 164 -7.01 25.46 12.74
N ALA B 165 -6.21 24.40 12.54
CA ALA B 165 -6.20 23.61 11.29
C ALA B 165 -7.02 22.34 11.37
N TYR B 166 -7.71 22.03 10.27
CA TYR B 166 -8.44 20.79 10.12
C TYR B 166 -7.60 19.70 9.47
N PRO B 167 -7.92 18.43 9.78
CA PRO B 167 -7.23 17.38 9.07
C PRO B 167 -7.69 17.39 7.60
N LEU B 168 -6.78 16.98 6.73
CA LEU B 168 -7.01 16.93 5.28
C LEU B 168 -8.10 15.90 4.89
N ASN B 169 -8.14 14.78 5.59
CA ASN B 169 -9.15 13.75 5.37
C ASN B 169 -10.40 13.94 6.22
N MET B 170 -10.65 15.15 6.71
CA MET B 170 -11.95 15.50 7.31
C MET B 170 -12.76 16.28 6.26
N THR B 171 -13.89 15.71 5.85
CA THR B 171 -14.78 16.28 4.81
C THR B 171 -15.38 17.61 5.24
N ARG B 172 -15.77 18.40 4.24
CA ARG B 172 -16.42 19.74 4.43
C ARG B 172 -17.60 19.66 5.41
N LYS B 173 -18.39 18.61 5.27
CA LYS B 173 -19.58 18.38 6.10
C LYS B 173 -19.25 18.05 7.56
N GLU B 174 -18.16 17.30 7.77
CA GLU B 174 -17.65 16.99 9.12
C GLU B 174 -17.12 18.20 9.86
N ARG B 175 -16.37 19.03 9.14
CA ARG B 175 -15.80 20.28 9.67
C ARG B 175 -16.85 21.31 10.14
N LYS B 176 -18.07 21.25 9.61
CA LYS B 176 -19.19 22.14 10.01
C LYS B 176 -20.00 21.59 11.18
N MET B 177 -19.81 20.30 11.53
CA MET B 177 -20.64 19.67 12.56
C MET B 177 -20.37 20.28 13.93
N LYS B 178 -21.43 20.36 14.73
CA LYS B 178 -21.40 20.90 16.08
C LYS B 178 -21.70 19.76 17.05
N TRP B 179 -20.97 19.72 18.18
CA TRP B 179 -21.12 18.67 19.20
C TRP B 179 -21.27 19.20 20.63
N ASN B 180 -22.52 19.22 21.09
CA ASN B 180 -22.81 19.57 22.46
C ASN B 180 -22.12 18.59 23.45
N PRO B 181 -21.18 19.08 24.30
CA PRO B 181 -20.45 18.21 25.25
C PRO B 181 -21.28 17.40 26.25
N GLU B 182 -22.42 17.96 26.68
CA GLU B 182 -23.33 17.26 27.60
C GLU B 182 -24.05 16.08 26.92
N GLU B 183 -24.45 16.27 25.67
CA GLU B 183 -25.10 15.20 24.88
C GLU B 183 -24.15 13.97 24.64
N TYR B 184 -22.84 14.20 24.55
CA TYR B 184 -21.84 13.15 24.23
C TYR B 184 -20.90 12.91 25.42
N LYS B 185 -21.44 13.04 26.63
CA LYS B 185 -20.65 12.98 27.87
C LYS B 185 -20.05 11.58 28.10
N GLU B 186 -20.86 10.54 27.87
CA GLU B 186 -20.51 9.17 28.17
C GLU B 186 -19.64 8.59 27.06
N TRP B 187 -18.45 8.15 27.42
CA TRP B 187 -17.56 7.50 26.47
C TRP B 187 -18.07 6.12 26.09
N TRP B 188 -17.67 5.71 24.90
CA TRP B 188 -17.88 4.36 24.40
C TRP B 188 -19.31 3.96 24.09
N THR B 189 -20.24 4.92 24.00
CA THR B 189 -21.56 4.64 23.45
C THR B 189 -21.44 4.59 21.96
N PRO B 190 -22.44 4.00 21.27
CA PRO B 190 -22.44 4.04 19.80
C PRO B 190 -22.36 5.45 19.18
N LYS B 191 -23.21 6.38 19.63
CA LYS B 191 -23.15 7.73 19.09
C LYS B 191 -21.80 8.39 19.41
N TRP B 192 -21.24 8.13 20.58
CA TRP B 192 -19.95 8.76 20.93
C TRP B 192 -18.84 8.24 20.02
N TYR B 193 -18.85 6.95 19.76
CA TYR B 193 -17.75 6.40 18.95
C TYR B 193 -17.73 7.01 17.52
N GLU B 194 -18.92 7.16 16.96
CA GLU B 194 -19.11 7.71 15.61
C GLU B 194 -18.77 9.18 15.62
N ALA B 195 -19.22 9.88 16.65
CA ALA B 195 -18.87 11.29 16.83
C ALA B 195 -17.36 11.49 16.89
N ILE B 196 -16.64 10.59 17.59
CA ILE B 196 -15.15 10.63 17.61
C ILE B 196 -14.62 10.49 16.19
N ALA B 197 -15.12 9.49 15.45
CA ALA B 197 -14.69 9.24 14.05
C ALA B 197 -14.86 10.47 13.13
N LYS B 198 -15.93 11.22 13.34
CA LYS B 198 -16.21 12.41 12.53
C LYS B 198 -15.49 13.68 13.00
N GLY B 199 -14.70 13.57 14.08
CA GLY B 199 -13.86 14.68 14.59
C GLY B 199 -14.36 15.55 15.74
N MET B 200 -15.21 15.02 16.62
CA MET B 200 -15.67 15.76 17.79
C MET B 200 -14.50 16.27 18.65
N PHE B 201 -13.47 15.43 18.87
CA PHE B 201 -12.31 15.86 19.70
C PHE B 201 -11.33 16.70 18.89
N VAL B 202 -11.31 16.54 17.57
CA VAL B 202 -10.51 17.44 16.74
C VAL B 202 -11.04 18.86 16.88
N LYS B 203 -12.37 18.95 16.74
CA LYS B 203 -13.13 20.18 16.89
C LYS B 203 -12.98 20.79 18.27
N ARG B 204 -13.07 19.96 19.31
CA ARG B 204 -12.88 20.39 20.70
C ARG B 204 -11.49 21.05 20.91
N ASP B 205 -10.47 20.51 20.25
CA ASP B 205 -9.08 20.96 20.43
C ASP B 205 -8.63 21.91 19.32
N LEU B 206 -9.56 22.32 18.45
CA LEU B 206 -9.19 23.14 17.28
C LEU B 206 -8.45 24.46 17.61
N LYS B 207 -8.94 25.20 18.58
CA LYS B 207 -8.40 26.54 18.82
C LYS B 207 -6.91 26.47 19.25
N ASP B 208 -6.59 25.65 20.25
CA ASP B 208 -5.22 25.61 20.78
C ASP B 208 -4.31 24.55 20.14
N GLY B 209 -4.89 23.66 19.33
CA GLY B 209 -4.09 22.68 18.60
C GLY B 209 -4.41 21.29 19.08
N GLN B 210 -4.04 20.34 18.24
CA GLN B 210 -4.24 18.92 18.54
C GLN B 210 -3.30 18.38 19.62
N MET B 211 -3.84 17.51 20.48
CA MET B 211 -3.09 16.85 21.53
C MET B 211 -2.01 15.93 20.94
N SER B 212 -0.89 15.88 21.61
CA SER B 212 0.25 15.10 21.16
C SER B 212 0.86 14.50 22.41
N ARG B 213 0.83 13.17 22.48
CA ARG B 213 1.46 12.44 23.57
C ARG B 213 2.48 11.48 22.95
N ASP B 214 2.26 10.17 22.97
CA ASP B 214 3.24 9.28 22.36
C ASP B 214 3.49 9.70 20.89
N MET B 215 4.75 9.67 20.45
CA MET B 215 5.06 10.18 19.14
C MET B 215 6.31 9.56 18.53
N THR B 216 6.42 9.75 17.22
CA THR B 216 7.65 9.54 16.50
C THR B 216 7.76 10.52 15.30
N LEU B 217 8.84 10.37 14.56
CA LEU B 217 9.21 11.19 13.43
C LEU B 217 9.64 10.27 12.32
N PHE B 218 9.47 10.71 11.06
CA PHE B 218 9.97 9.93 9.95
C PHE B 218 10.38 10.87 8.82
N VAL B 219 11.56 10.67 8.26
CA VAL B 219 12.03 11.49 7.15
C VAL B 219 11.80 10.65 5.90
N ASP B 220 10.95 11.15 5.03
CA ASP B 220 10.51 10.41 3.85
C ASP B 220 11.52 10.70 2.71
N ASP B 221 11.38 9.96 1.62
CA ASP B 221 12.18 10.09 0.37
C ASP B 221 12.49 11.49 -0.10
N ASP B 222 11.41 12.26 -0.16
CA ASP B 222 11.45 13.61 -0.73
C ASP B 222 12.08 14.65 0.22
N GLY B 223 12.67 14.20 1.35
CA GLY B 223 13.18 15.08 2.40
C GLY B 223 12.10 15.62 3.32
N LYS B 224 10.83 15.34 3.02
CA LYS B 224 9.73 15.77 3.88
C LYS B 224 9.76 14.88 5.10
N ALA B 225 9.54 15.53 6.24
CA ALA B 225 9.50 14.88 7.50
C ALA B 225 8.10 15.04 8.09
N TYR B 226 7.72 14.01 8.83
CA TYR B 226 6.38 13.88 9.40
C TYR B 226 6.50 13.55 10.86
N HIS B 227 5.52 14.02 11.60
CA HIS B 227 5.40 13.81 13.00
C HIS B 227 4.09 13.01 13.17
N ILE B 228 4.24 11.83 13.76
CA ILE B 228 3.16 10.90 13.99
C ILE B 228 2.94 10.81 15.49
N TYR B 229 1.72 11.05 15.93
CA TYR B 229 1.47 11.15 17.34
C TYR B 229 0.08 10.73 17.73
N SER B 230 -0.06 10.30 18.98
CA SER B 230 -1.33 9.90 19.53
CA SER B 230 -1.34 9.92 19.53
C SER B 230 -2.02 11.16 20.01
N SER B 231 -3.23 11.37 19.52
CA SER B 231 -3.94 12.61 19.71
C SER B 231 -5.34 12.37 20.22
N GLU B 232 -6.09 13.44 20.43
CA GLU B 232 -7.49 13.32 20.83
C GLU B 232 -7.72 12.41 22.06
N ASP B 233 -7.20 12.80 23.21
CA ASP B 233 -7.20 11.97 24.43
C ASP B 233 -6.65 10.58 24.19
N ASN B 234 -5.57 10.48 23.40
CA ASN B 234 -4.93 9.21 22.99
C ASN B 234 -5.74 8.26 22.10
N LEU B 235 -6.91 8.67 21.66
CA LEU B 235 -7.83 7.82 20.87
C LEU B 235 -7.43 7.60 19.42
N THR B 236 -6.76 8.57 18.82
CA THR B 236 -6.60 8.65 17.35
C THR B 236 -5.16 9.02 16.99
N LEU B 237 -4.58 8.38 15.97
CA LEU B 237 -3.26 8.75 15.47
C LEU B 237 -3.39 9.85 14.47
N GLN B 238 -2.49 10.82 14.56
CA GLN B 238 -2.35 11.90 13.56
C GLN B 238 -0.96 11.88 12.97
N ILE B 239 -0.89 12.17 11.68
CA ILE B 239 0.37 12.26 10.93
C ILE B 239 0.42 13.67 10.35
N ALA B 240 1.37 14.47 10.81
CA ALA B 240 1.45 15.88 10.46
C ALA B 240 2.74 16.16 9.74
N GLU B 241 2.65 16.89 8.65
CA GLU B 241 3.84 17.37 7.91
C GLU B 241 4.62 18.46 8.66
N LEU B 242 5.95 18.34 8.66
CA LEU B 242 6.84 19.39 9.22
C LEU B 242 7.28 20.43 8.18
N ALA B 243 7.52 21.66 8.62
CA ALA B 243 8.17 22.66 7.73
C ALA B 243 9.56 22.18 7.27
N ASP B 244 10.10 22.85 6.26
CA ASP B 244 11.39 22.52 5.60
C ASP B 244 12.58 22.46 6.56
N ASP B 245 12.53 23.24 7.64
CA ASP B 245 13.61 23.22 8.64
C ASP B 245 13.34 22.23 9.81
N TYR B 246 12.19 21.55 9.79
CA TYR B 246 11.76 20.56 10.81
C TYR B 246 11.39 21.16 12.20
N LEU B 247 11.36 22.48 12.34
CA LEU B 247 11.14 23.12 13.64
C LEU B 247 9.69 23.46 13.95
N SER B 248 8.79 23.23 13.00
CA SER B 248 7.36 23.48 13.18
C SER B 248 6.54 22.62 12.19
N HIS B 249 5.23 22.70 12.33
CA HIS B 249 4.29 22.00 11.48
C HIS B 249 3.77 22.93 10.40
N THR B 250 3.40 22.38 9.23
CA THR B 250 2.91 23.17 8.13
C THR B 250 1.41 23.48 8.21
N GLY B 251 0.63 22.69 8.94
CA GLY B 251 -0.84 22.83 8.91
C GLY B 251 -1.50 21.67 8.18
N LYS B 252 -0.72 20.89 7.44
CA LYS B 252 -1.18 19.69 6.75
C LYS B 252 -1.03 18.42 7.61
N TYR B 253 -2.16 17.78 7.94
CA TYR B 253 -2.17 16.53 8.62
C TYR B 253 -3.38 15.67 8.26
N ILE B 254 -3.28 14.36 8.54
CA ILE B 254 -4.40 13.45 8.54
C ILE B 254 -4.55 12.78 9.88
N ARG B 255 -5.70 12.15 10.04
CA ARG B 255 -6.01 11.38 11.21
C ARG B 255 -6.47 10.00 10.78
N ILE B 256 -5.92 8.99 11.45
CA ILE B 256 -6.26 7.59 11.20
C ILE B 256 -6.67 6.85 12.49
N PHE B 257 -7.43 5.78 12.28
CA PHE B 257 -7.90 4.88 13.34
C PHE B 257 -8.54 5.58 14.52
N PRO B 258 -9.58 6.36 14.25
CA PRO B 258 -10.20 7.08 15.37
C PRO B 258 -10.84 6.14 16.37
N GLY B 259 -10.59 6.37 17.65
CA GLY B 259 -10.96 5.46 18.71
C GLY B 259 -10.14 4.17 18.75
N GLY B 260 -9.11 4.04 17.91
CA GLY B 260 -8.29 2.82 17.89
C GLY B 260 -7.33 2.61 19.06
N HIS B 261 -7.00 3.69 19.80
CA HIS B 261 -6.04 3.63 20.90
C HIS B 261 -4.67 3.06 20.44
N ASN B 262 -4.28 3.34 19.21
CA ASN B 262 -2.90 3.09 18.83
C ASN B 262 -1.93 4.04 19.57
N GLU B 263 -0.96 3.44 20.26
CA GLU B 263 0.08 4.15 21.01
C GLU B 263 1.46 3.71 20.54
N ALA B 264 2.46 4.38 21.05
CA ALA B 264 3.85 3.99 20.83
C ALA B 264 4.24 3.67 19.38
N PRO B 265 3.93 4.58 18.45
CA PRO B 265 4.13 4.29 17.05
C PRO B 265 5.61 4.19 16.63
N ALA B 266 5.90 3.17 15.86
CA ALA B 266 7.19 3.02 15.17
C ALA B 266 6.90 2.77 13.69
N ILE B 267 7.66 3.43 12.82
CA ILE B 267 7.34 3.52 11.39
C ILE B 267 8.61 3.24 10.54
N PHE B 268 8.46 2.55 9.41
CA PHE B 268 9.47 2.48 8.35
C PHE B 268 8.81 2.37 6.97
N LYS B 269 9.64 2.56 5.94
CA LYS B 269 9.23 2.49 4.56
C LYS B 269 10.15 1.48 3.88
N LYS B 270 9.53 0.60 3.09
CA LYS B 270 10.23 -0.44 2.33
C LYS B 270 9.51 -0.68 1.01
N GLU B 271 10.23 -0.45 -0.10
CA GLU B 271 9.75 -0.74 -1.46
C GLU B 271 8.44 0.01 -1.76
N GLY B 272 8.37 1.27 -1.33
CA GLY B 272 7.24 2.08 -1.60
C GLY B 272 6.10 2.05 -0.61
N THR B 273 6.16 1.13 0.33
CA THR B 273 5.06 0.93 1.27
C THR B 273 5.49 1.35 2.66
N TYR B 274 4.55 1.95 3.39
CA TYR B 274 4.76 2.36 4.78
C TYR B 274 4.18 1.32 5.71
N TRP B 275 4.92 1.09 6.78
CA TRP B 275 4.58 0.11 7.77
C TRP B 275 4.74 0.77 9.10
N MET B 276 3.74 0.60 9.98
CA MET B 276 3.81 1.14 11.31
C MET B 276 3.43 0.06 12.34
N ILE B 277 4.24 -0.10 13.40
CA ILE B 277 3.91 -0.97 14.53
C ILE B 277 3.49 -0.09 15.70
N THR B 278 2.41 -0.46 16.36
CA THR B 278 1.88 0.30 17.48
C THR B 278 1.47 -0.68 18.58
N SER B 279 1.29 -0.18 19.79
CA SER B 279 0.71 -0.95 20.86
C SER B 279 -0.70 -0.47 21.06
N GLY B 280 -1.45 -1.21 21.85
CA GLY B 280 -2.66 -0.69 22.45
C GLY B 280 -2.36 0.28 23.57
N CYS B 281 -3.41 0.60 24.30
CA CYS B 281 -3.34 1.57 25.37
C CYS B 281 -3.73 0.83 26.66
N THR B 282 -2.74 0.18 27.31
CA THR B 282 -2.99 -0.50 28.58
C THR B 282 -1.97 -0.20 29.66
N GLY B 283 -1.68 1.08 29.82
CA GLY B 283 -0.71 1.53 30.80
C GLY B 283 0.64 0.85 30.58
N TRP B 284 1.26 0.46 31.68
CA TRP B 284 2.57 -0.18 31.64
C TRP B 284 2.53 -1.63 31.20
N ASP B 285 1.33 -2.22 31.14
CA ASP B 285 1.18 -3.62 30.81
C ASP B 285 1.39 -3.84 29.31
N PRO B 286 2.12 -4.91 28.94
CA PRO B 286 2.22 -5.24 27.53
C PRO B 286 0.89 -5.77 26.99
N ASN B 287 0.69 -5.52 25.70
CA ASN B 287 -0.51 -5.93 25.00
C ASN B 287 -0.13 -6.39 23.59
N LYS B 288 -1.15 -6.74 22.78
CA LYS B 288 -0.93 -7.16 21.40
C LYS B 288 -0.47 -5.99 20.53
N ALA B 289 0.61 -6.16 19.80
CA ALA B 289 1.07 -5.09 18.92
C ALA B 289 0.13 -5.06 17.71
N ARG B 290 0.04 -3.91 17.03
CA ARG B 290 -0.70 -3.81 15.78
C ARG B 290 0.29 -3.50 14.66
N LEU B 291 -0.11 -3.86 13.45
CA LEU B 291 0.60 -3.47 12.24
C LEU B 291 -0.36 -2.71 11.35
N LEU B 292 0.11 -1.55 10.90
CA LEU B 292 -0.68 -0.66 10.09
C LEU B 292 0.12 -0.43 8.80
N THR B 293 -0.55 -0.32 7.67
CA THR B 293 0.13 -0.03 6.42
C THR B 293 -0.59 0.95 5.54
N ALA B 294 0.20 1.60 4.69
CA ALA B 294 -0.30 2.45 3.63
C ALA B 294 0.70 2.56 2.49
N ASP B 295 0.16 2.99 1.35
CA ASP B 295 0.96 3.19 0.15
C ASP B 295 1.32 4.65 -0.06
N SER B 296 0.91 5.50 0.87
CA SER B 296 1.23 6.91 0.85
C SER B 296 1.21 7.44 2.27
N MET B 297 2.17 8.26 2.71
CA MET B 297 2.17 8.73 4.10
C MET B 297 0.83 9.40 4.50
N LEU B 298 0.29 10.26 3.65
CA LEU B 298 -0.95 10.99 3.94
C LEU B 298 -2.17 10.33 3.30
N GLY B 299 -2.01 9.15 2.72
CA GLY B 299 -3.15 8.37 2.23
C GLY B 299 -3.83 7.62 3.37
N GLU B 300 -4.73 6.69 3.03
CA GLU B 300 -5.50 5.97 4.03
C GLU B 300 -4.78 4.66 4.42
N TRP B 301 -4.88 4.33 5.70
CA TRP B 301 -4.11 3.30 6.34
C TRP B 301 -5.03 2.11 6.61
N LYS B 302 -4.42 0.94 6.60
CA LYS B 302 -5.10 -0.33 6.85
C LYS B 302 -4.42 -1.04 8.02
N GLN B 303 -5.21 -1.71 8.87
CA GLN B 303 -4.67 -2.60 9.96
C GLN B 303 -4.53 -4.10 9.55
N LEU B 304 -3.35 -4.65 9.84
CA LEU B 304 -2.99 -6.02 9.59
C LEU B 304 -2.85 -6.70 10.95
N PRO B 305 -2.79 -8.04 10.99
CA PRO B 305 -2.59 -8.84 12.23
C PRO B 305 -1.30 -8.53 12.98
N ASN B 306 -1.34 -8.70 14.29
CA ASN B 306 -0.14 -8.60 15.15
C ASN B 306 1.13 -9.12 14.40
N PRO B 307 2.21 -8.31 14.28
CA PRO B 307 3.39 -8.75 13.53
C PRO B 307 4.32 -9.68 14.28
N CYS B 308 4.15 -9.78 15.60
CA CYS B 308 4.97 -10.71 16.38
C CYS B 308 4.44 -12.14 16.19
N VAL B 309 5.34 -13.10 15.97
CA VAL B 309 4.96 -14.53 16.01
C VAL B 309 5.73 -15.30 17.08
N GLY B 310 5.22 -16.51 17.34
CA GLY B 310 5.85 -17.43 18.25
C GLY B 310 5.43 -17.16 19.68
N GLU B 311 6.24 -17.66 20.60
CA GLU B 311 5.93 -17.65 22.01
C GLU B 311 5.88 -16.23 22.58
N ASP B 312 4.82 -15.91 23.34
CA ASP B 312 4.61 -14.56 23.94
C ASP B 312 4.31 -13.43 22.91
N ALA B 313 3.96 -13.79 21.68
CA ALA B 313 3.67 -12.79 20.65
C ALA B 313 2.44 -12.00 21.04
N ASP B 314 1.50 -12.64 21.74
CA ASP B 314 0.31 -11.96 22.24
C ASP B 314 0.59 -10.76 23.12
N LYS B 315 1.76 -10.70 23.77
CA LYS B 315 2.16 -9.61 24.65
C LYS B 315 3.32 -8.78 24.09
N THR B 316 3.54 -8.86 22.80
CA THR B 316 4.70 -8.25 22.15
C THR B 316 5.98 -8.63 22.89
N PHE B 317 6.10 -9.91 23.28
CA PHE B 317 7.24 -10.45 24.06
C PHE B 317 7.50 -9.69 25.37
N GLY B 318 6.46 -9.12 25.99
CA GLY B 318 6.62 -8.33 27.20
C GLY B 318 7.10 -6.90 26.97
N GLY B 319 7.12 -6.48 25.70
CA GLY B 319 7.61 -5.17 25.33
C GLY B 319 6.53 -4.23 24.80
N GLN B 320 6.98 -3.00 24.59
CA GLN B 320 6.20 -2.00 23.91
C GLN B 320 7.10 -1.34 22.85
N SER B 321 6.60 -1.26 21.62
CA SER B 321 7.32 -0.65 20.51
C SER B 321 7.83 0.74 20.84
N THR B 322 9.05 1.04 20.40
CA THR B 322 9.51 2.41 20.46
C THR B 322 10.08 2.99 19.15
N TYR B 323 10.73 2.18 18.32
CA TYR B 323 11.42 2.69 17.13
C TYR B 323 11.76 1.54 16.22
N ILE B 324 11.88 1.86 14.93
CA ILE B 324 12.36 0.92 13.94
C ILE B 324 13.49 1.62 13.20
N LEU B 325 14.65 0.98 13.21
CA LEU B 325 15.85 1.56 12.67
C LEU B 325 16.06 0.94 11.31
N PRO B 326 16.05 1.74 10.25
CA PRO B 326 16.49 1.17 8.98
C PRO B 326 18.01 0.99 8.97
N LEU B 327 18.50 -0.19 8.57
CA LEU B 327 19.92 -0.40 8.24
C LEU B 327 20.01 -0.51 6.72
N PRO B 328 19.96 0.65 6.02
CA PRO B 328 19.83 0.68 4.54
C PRO B 328 20.95 0.03 3.73
N GLU B 329 22.16 -0.08 4.30
CA GLU B 329 23.31 -0.80 3.68
C GLU B 329 23.20 -2.34 3.65
N LYS B 330 22.18 -2.88 4.31
CA LYS B 330 21.89 -4.31 4.21
C LYS B 330 20.44 -4.57 3.74
N GLY B 331 19.72 -3.52 3.35
CA GLY B 331 18.26 -3.58 3.20
C GLY B 331 17.52 -4.11 4.42
N GLN B 332 18.01 -3.82 5.61
CA GLN B 332 17.42 -4.41 6.81
C GLN B 332 16.77 -3.40 7.71
N PHE B 333 15.96 -3.90 8.64
CA PHE B 333 15.21 -3.08 9.61
C PHE B 333 15.20 -3.83 10.95
N PHE B 334 15.37 -3.08 12.03
CA PHE B 334 15.39 -3.68 13.37
C PHE B 334 14.38 -2.96 14.27
N PHE B 335 13.63 -3.79 14.97
CA PHE B 335 12.54 -3.39 15.83
C PHE B 335 13.11 -3.13 17.22
N MET B 336 12.87 -1.94 17.77
CA MET B 336 13.25 -1.62 19.15
C MET B 336 11.99 -1.45 19.98
N ALA B 337 12.00 -2.11 21.15
CA ALA B 337 10.91 -2.00 22.14
C ALA B 337 11.50 -1.83 23.56
N ASP B 338 10.69 -1.32 24.48
CA ASP B 338 11.05 -1.22 25.90
C ASP B 338 10.38 -2.36 26.64
N MET B 339 11.05 -2.90 27.65
CA MET B 339 10.50 -3.89 28.50
C MET B 339 10.30 -3.18 29.80
N TRP B 340 9.11 -2.62 30.02
CA TRP B 340 8.92 -1.67 31.11
C TRP B 340 8.81 -2.36 32.47
N ARG B 341 9.44 -1.77 33.47
CA ARG B 341 9.35 -2.24 34.86
C ARG B 341 8.84 -1.10 35.69
N PRO B 342 7.49 -0.91 35.73
CA PRO B 342 6.95 0.30 36.38
C PRO B 342 7.41 0.50 37.85
N LYS B 343 7.69 -0.59 38.57
CA LYS B 343 8.18 -0.55 39.96
C LYS B 343 9.68 -0.21 40.09
N SER B 344 10.42 -0.20 38.98
CA SER B 344 11.82 0.25 38.97
C SER B 344 12.22 0.66 37.56
N LEU B 345 11.77 1.85 37.15
CA LEU B 345 11.73 2.22 35.72
C LEU B 345 13.09 2.22 35.05
N ALA B 346 14.14 2.48 35.81
CA ALA B 346 15.52 2.45 35.31
C ALA B 346 16.04 1.03 35.07
N ASP B 347 15.39 0.02 35.68
CA ASP B 347 15.67 -1.39 35.42
C ASP B 347 14.87 -1.94 34.22
N SER B 348 14.07 -1.09 33.56
CA SER B 348 13.38 -1.43 32.30
C SER B 348 14.41 -1.84 31.24
N ARG B 349 14.13 -2.94 30.55
CA ARG B 349 15.08 -3.56 29.61
C ARG B 349 14.74 -3.16 28.14
N TYR B 350 15.53 -3.65 27.21
CA TYR B 350 15.40 -3.28 25.80
C TYR B 350 15.19 -4.56 24.99
N ILE B 351 14.19 -4.56 24.12
CA ILE B 351 14.01 -5.67 23.17
C ILE B 351 14.31 -5.11 21.80
N TRP B 352 15.36 -5.66 21.18
CA TRP B 352 15.81 -5.34 19.84
C TRP B 352 15.90 -6.64 19.03
N LEU B 353 15.10 -6.67 17.95
CA LEU B 353 14.90 -7.85 17.12
C LEU B 353 14.88 -7.45 15.65
N PRO B 354 15.53 -8.26 14.78
CA PRO B 354 15.36 -7.98 13.36
C PRO B 354 13.87 -8.04 12.88
N VAL B 355 13.51 -7.19 11.95
CA VAL B 355 12.24 -7.31 11.25
C VAL B 355 12.49 -8.32 10.13
N GLN B 356 11.63 -9.34 10.03
CA GLN B 356 11.68 -10.32 8.95
C GLN B 356 10.48 -10.12 8.04
N PHE B 357 10.58 -10.60 6.82
CA PHE B 357 9.53 -10.37 5.83
C PHE B 357 9.08 -11.69 5.27
N ASP B 358 7.78 -11.89 5.22
CA ASP B 358 7.24 -13.17 4.78
C ASP B 358 7.20 -13.22 3.25
N ASP B 359 6.63 -14.32 2.72
CA ASP B 359 6.47 -14.57 1.28
C ASP B 359 5.71 -13.47 0.53
N LYS B 360 4.78 -12.80 1.20
CA LYS B 360 4.05 -11.71 0.56
C LYS B 360 4.68 -10.32 0.86
N GLY B 361 5.89 -10.29 1.45
CA GLY B 361 6.55 -9.06 1.84
C GLY B 361 5.97 -8.33 3.06
N VAL B 362 5.16 -9.00 3.89
CA VAL B 362 4.65 -8.34 5.09
CA VAL B 362 4.59 -8.40 5.13
C VAL B 362 5.60 -8.57 6.27
N PRO B 363 5.90 -7.49 7.01
CA PRO B 363 6.89 -7.66 8.09
C PRO B 363 6.36 -8.47 9.25
N PHE B 364 7.23 -9.31 9.82
CA PHE B 364 6.93 -9.94 11.09
C PHE B 364 8.18 -9.95 11.99
N ILE B 365 7.94 -10.15 13.28
CA ILE B 365 9.01 -10.09 14.29
C ILE B 365 9.03 -11.38 15.12
N LYS B 366 10.16 -12.06 15.05
CA LYS B 366 10.42 -13.32 15.76
C LYS B 366 11.44 -13.08 16.88
N TRP B 367 11.17 -13.56 18.09
CA TRP B 367 12.19 -13.55 19.17
C TRP B 367 13.47 -14.35 18.81
N MET B 368 14.62 -13.86 19.22
CA MET B 368 15.90 -14.52 19.10
C MET B 368 16.66 -14.07 20.31
N ASP B 369 17.19 -15.03 21.06
CA ASP B 369 17.88 -14.74 22.33
C ASP B 369 19.11 -13.90 22.13
N ARG B 370 19.89 -14.26 21.12
CA ARG B 370 21.09 -13.52 20.74
C ARG B 370 21.26 -13.60 19.25
N TRP B 371 21.48 -12.47 18.58
CA TRP B 371 21.69 -12.40 17.13
C TRP B 371 22.73 -11.34 16.75
N ASN B 372 23.44 -11.56 15.63
CA ASN B 372 24.46 -10.64 15.10
C ASN B 372 23.93 -9.96 13.85
N PHE B 373 24.57 -8.87 13.46
CA PHE B 373 24.37 -8.24 12.13
C PHE B 373 25.21 -8.89 11.01
N ILE C 29 -0.32 -8.71 -29.94
CA ILE C 29 0.93 -8.65 -29.06
C ILE C 29 1.00 -9.80 -28.05
N ALA C 30 1.89 -10.77 -28.34
CA ALA C 30 2.09 -11.97 -27.51
C ALA C 30 3.42 -11.93 -26.77
N SER C 31 3.39 -11.48 -25.53
CA SER C 31 4.67 -11.22 -24.84
C SER C 31 5.39 -12.54 -24.52
N GLY C 32 6.71 -12.53 -24.62
CA GLY C 32 7.52 -13.72 -24.34
C GLY C 32 7.65 -14.75 -25.46
N LYS C 33 6.91 -14.60 -26.56
CA LYS C 33 7.04 -15.54 -27.68
C LYS C 33 8.22 -15.11 -28.53
N VAL C 34 8.62 -15.95 -29.48
CA VAL C 34 9.68 -15.60 -30.42
C VAL C 34 9.10 -14.68 -31.47
N TRP C 35 9.54 -13.44 -31.54
CA TRP C 35 9.02 -12.53 -32.58
C TRP C 35 9.92 -12.50 -33.79
N ARG C 36 9.31 -12.51 -34.98
CA ARG C 36 10.07 -12.48 -36.23
C ARG C 36 9.67 -11.27 -37.02
N ASP C 37 10.62 -10.76 -37.78
CA ASP C 37 10.37 -9.72 -38.77
C ASP C 37 9.71 -10.27 -40.04
N THR C 38 9.42 -9.36 -40.97
CA THR C 38 8.79 -9.66 -42.25
C THR C 38 9.66 -10.52 -43.19
N ASP C 39 10.98 -10.60 -42.98
CA ASP C 39 11.81 -11.59 -43.71
C ASP C 39 11.81 -12.98 -43.07
N GLY C 40 11.14 -13.17 -41.94
CA GLY C 40 11.20 -14.42 -41.18
C GLY C 40 12.29 -14.53 -40.12
N ASN C 41 13.13 -13.52 -39.98
CA ASN C 41 14.21 -13.54 -38.96
C ASN C 41 13.79 -13.04 -37.55
N VAL C 42 14.34 -13.68 -36.51
CA VAL C 42 14.09 -13.31 -35.12
C VAL C 42 14.48 -11.83 -34.91
N ILE C 43 13.58 -11.06 -34.30
CA ILE C 43 13.85 -9.63 -34.09
C ILE C 43 14.95 -9.57 -33.02
N ASN C 44 16.00 -8.79 -33.29
CA ASN C 44 17.14 -8.63 -32.40
C ASN C 44 17.31 -7.14 -32.07
N ALA C 45 16.58 -6.69 -31.04
CA ALA C 45 16.60 -5.31 -30.63
C ALA C 45 16.27 -5.20 -29.14
N HIS C 46 17.30 -5.46 -28.32
CA HIS C 46 17.13 -5.62 -26.88
C HIS C 46 17.55 -4.33 -26.19
N GLY C 47 17.01 -4.11 -25.00
CA GLY C 47 17.28 -2.84 -24.26
C GLY C 47 16.85 -1.59 -25.00
N GLY C 48 15.78 -1.74 -25.76
CA GLY C 48 15.42 -0.79 -26.76
C GLY C 48 14.41 0.29 -26.40
N GLY C 49 13.96 0.96 -27.43
CA GLY C 49 13.09 2.12 -27.35
C GLY C 49 12.50 2.29 -28.72
N ILE C 50 11.38 3.01 -28.77
CA ILE C 50 10.65 3.27 -30.00
C ILE C 50 10.35 4.77 -30.16
N LEU C 51 10.59 5.28 -31.38
CA LEU C 51 10.08 6.60 -31.81
C LEU C 51 9.15 6.47 -33.02
N PHE C 52 8.18 7.39 -33.11
CA PHE C 52 7.30 7.48 -34.23
C PHE C 52 7.79 8.62 -35.10
N HIS C 53 7.93 8.36 -36.41
CA HIS C 53 8.37 9.42 -37.32
C HIS C 53 7.83 9.27 -38.69
N GLU C 54 7.21 10.35 -39.20
CA GLU C 54 6.58 10.39 -40.52
C GLU C 54 5.78 9.09 -40.82
N GLY C 55 4.77 8.79 -40.01
CA GLY C 55 3.95 7.61 -40.28
C GLY C 55 4.50 6.23 -39.87
N LYS C 56 5.71 6.16 -39.31
CA LYS C 56 6.32 4.86 -38.95
C LYS C 56 6.95 4.86 -37.56
N TYR C 57 6.79 3.74 -36.82
CA TYR C 57 7.51 3.46 -35.57
C TYR C 57 8.85 2.82 -35.95
N TYR C 58 9.90 3.25 -35.27
CA TYR C 58 11.23 2.74 -35.45
C TYR C 58 11.69 2.27 -34.09
N TRP C 59 12.02 0.99 -33.98
CA TRP C 59 12.42 0.37 -32.73
C TRP C 59 13.92 0.15 -32.81
N PHE C 60 14.66 0.75 -31.88
CA PHE C 60 16.12 0.58 -31.83
C PHE C 60 16.46 -0.30 -30.67
N GLY C 61 17.41 -1.19 -30.87
CA GLY C 61 17.89 -1.99 -29.81
C GLY C 61 19.22 -2.60 -30.09
N GLU C 62 19.78 -3.15 -29.04
CA GLU C 62 21.03 -3.87 -29.07
C GLU C 62 20.92 -5.11 -29.96
N HIS C 63 21.86 -5.24 -30.88
CA HIS C 63 22.07 -6.51 -31.60
C HIS C 63 22.96 -7.39 -30.69
N ARG C 64 22.37 -8.46 -30.15
CA ARG C 64 23.03 -9.36 -29.21
C ARG C 64 23.45 -10.61 -29.92
N PRO C 65 24.62 -11.17 -29.51
CA PRO C 65 25.07 -12.45 -30.10
C PRO C 65 24.30 -13.65 -29.48
N ALA C 66 24.32 -14.78 -30.20
CA ALA C 66 23.78 -16.07 -29.70
C ALA C 66 24.55 -16.61 -28.49
N SER C 67 25.82 -16.27 -28.44
CA SER C 67 26.74 -16.71 -27.45
C SER C 67 27.59 -15.52 -27.02
N GLY C 68 27.89 -15.41 -25.74
CA GLY C 68 28.57 -14.21 -25.22
C GLY C 68 27.54 -13.10 -25.02
N PHE C 69 28.01 -11.90 -24.69
CA PHE C 69 27.14 -10.72 -24.41
C PHE C 69 27.49 -9.42 -25.15
N VAL C 70 28.72 -9.28 -25.62
CA VAL C 70 29.12 -8.07 -26.30
C VAL C 70 28.59 -8.13 -27.73
N THR C 71 28.01 -7.04 -28.23
CA THR C 71 27.57 -6.98 -29.60
C THR C 71 28.77 -7.12 -30.55
N GLU C 72 28.49 -7.70 -31.70
CA GLU C 72 29.44 -7.77 -32.81
C GLU C 72 29.12 -6.78 -33.90
N LYS C 73 27.96 -6.11 -33.79
CA LYS C 73 27.43 -5.33 -34.91
C LYS C 73 27.04 -3.92 -34.53
N GLY C 74 26.34 -3.75 -33.41
CA GLY C 74 26.00 -2.44 -32.93
C GLY C 74 24.53 -2.37 -32.59
N ILE C 75 23.89 -1.27 -32.97
CA ILE C 75 22.49 -0.98 -32.65
C ILE C 75 21.68 -1.20 -33.92
N ASN C 76 20.64 -2.03 -33.78
CA ASN C 76 19.79 -2.49 -34.85
C ASN C 76 18.56 -1.62 -34.88
N CYS C 77 17.84 -1.68 -36.00
CA CYS C 77 16.64 -0.90 -36.19
C CYS C 77 15.62 -1.70 -36.98
N TYR C 78 14.37 -1.61 -36.53
CA TYR C 78 13.19 -2.22 -37.16
C TYR C 78 12.15 -1.14 -37.27
N SER C 79 11.32 -1.24 -38.31
CA SER C 79 10.26 -0.28 -38.54
C SER C 79 8.92 -0.95 -38.81
N SER C 80 7.85 -0.22 -38.50
CA SER C 80 6.49 -0.73 -38.63
C SER C 80 5.48 0.42 -38.75
N THR C 81 4.38 0.21 -39.44
CA THR C 81 3.30 1.19 -39.42
C THR C 81 2.26 0.85 -38.37
N ASP C 82 2.33 -0.34 -37.78
CA ASP C 82 1.22 -0.84 -36.94
C ASP C 82 1.64 -1.41 -35.58
N LEU C 83 2.94 -1.47 -35.30
CA LEU C 83 3.50 -2.11 -34.10
C LEU C 83 3.34 -3.64 -34.06
N TYR C 84 2.96 -4.23 -35.18
CA TYR C 84 2.83 -5.69 -35.33
C TYR C 84 3.86 -6.25 -36.32
N ASN C 85 3.96 -5.66 -37.51
CA ASN C 85 4.85 -6.17 -38.53
C ASN C 85 6.06 -5.29 -38.61
N TRP C 86 7.23 -5.90 -38.39
CA TRP C 86 8.50 -5.20 -38.25
C TRP C 86 9.40 -5.53 -39.43
N LYS C 87 9.83 -4.50 -40.15
CA LYS C 87 10.79 -4.66 -41.22
C LYS C 87 12.18 -4.33 -40.69
N SER C 88 13.15 -5.22 -40.97
CA SER C 88 14.52 -4.97 -40.67
C SER C 88 15.02 -3.77 -41.48
N GLU C 89 15.47 -2.71 -40.82
CA GLU C 89 16.16 -1.57 -41.48
C GLU C 89 17.66 -1.73 -41.39
N GLY C 90 18.12 -2.77 -40.68
CA GLY C 90 19.55 -3.06 -40.58
C GLY C 90 20.15 -2.27 -39.45
N ILE C 91 21.48 -2.32 -39.38
CA ILE C 91 22.24 -1.68 -38.30
C ILE C 91 22.27 -0.16 -38.46
N ALA C 92 21.79 0.52 -37.42
CA ALA C 92 21.61 1.97 -37.46
C ALA C 92 22.84 2.69 -36.93
N LEU C 93 23.47 2.16 -35.89
CA LEU C 93 24.80 2.63 -35.42
C LEU C 93 25.72 1.41 -35.38
N ALA C 94 26.71 1.43 -36.25
CA ALA C 94 27.62 0.30 -36.44
C ALA C 94 28.86 0.45 -35.58
N VAL C 95 29.41 -0.65 -35.14
CA VAL C 95 30.70 -0.65 -34.48
C VAL C 95 31.75 -0.29 -35.52
N SER C 96 32.83 0.32 -35.06
CA SER C 96 33.97 0.76 -35.93
C SER C 96 34.97 -0.40 -36.05
N GLU C 97 35.60 -0.53 -37.21
CA GLU C 97 36.75 -1.43 -37.36
C GLU C 97 38.07 -0.64 -37.26
N GLU C 98 38.00 0.68 -37.05
CA GLU C 98 39.19 1.50 -36.77
C GLU C 98 39.69 1.32 -35.33
N GLU C 99 40.94 0.84 -35.17
CA GLU C 99 41.59 0.71 -33.84
C GLU C 99 41.69 2.05 -33.12
N GLY C 100 41.44 2.05 -31.80
CA GLY C 100 41.47 3.28 -31.01
C GLY C 100 40.13 3.98 -30.87
N HIS C 101 39.21 3.76 -31.82
CA HIS C 101 37.92 4.45 -31.82
C HIS C 101 37.02 4.00 -30.66
N ASP C 102 36.23 4.94 -30.14
CA ASP C 102 35.39 4.70 -28.96
C ASP C 102 34.39 3.55 -29.20
N ILE C 103 33.80 3.52 -30.39
CA ILE C 103 32.89 2.43 -30.74
C ILE C 103 33.57 1.30 -31.56
N GLU C 104 34.86 1.06 -31.33
CA GLU C 104 35.62 -0.03 -31.97
C GLU C 104 34.95 -1.37 -31.64
N LYS C 105 34.95 -2.27 -32.62
CA LYS C 105 34.31 -3.57 -32.42
C LYS C 105 34.91 -4.20 -31.20
N GLY C 106 34.05 -4.70 -30.31
CA GLY C 106 34.48 -5.16 -29.00
C GLY C 106 34.08 -4.24 -27.87
N CYS C 107 33.69 -3.01 -28.20
CA CYS C 107 33.04 -2.15 -27.23
C CYS C 107 31.64 -2.72 -26.87
N ILE C 108 31.13 -2.23 -25.74
CA ILE C 108 29.82 -2.59 -25.24
C ILE C 108 28.91 -1.41 -25.54
N MET C 109 27.87 -1.66 -26.32
CA MET C 109 26.82 -0.70 -26.61
C MET C 109 25.50 -1.22 -26.10
N GLU C 110 24.86 -0.45 -25.23
CA GLU C 110 23.67 -0.93 -24.54
C GLU C 110 22.67 0.21 -24.40
N ARG C 111 21.41 -0.20 -24.33
CA ARG C 111 20.25 0.67 -24.06
C ARG C 111 20.20 1.95 -24.91
N PRO C 112 20.34 1.79 -26.24
CA PRO C 112 20.20 2.93 -27.13
C PRO C 112 18.80 3.52 -27.03
N LYS C 113 18.75 4.83 -27.19
CA LYS C 113 17.51 5.58 -27.28
C LYS C 113 17.68 6.67 -28.33
N VAL C 114 16.60 6.94 -29.12
CA VAL C 114 16.61 7.98 -30.15
C VAL C 114 15.50 8.99 -29.94
N ILE C 115 15.85 10.26 -30.04
CA ILE C 115 14.89 11.37 -29.97
C ILE C 115 15.13 12.22 -31.18
N TYR C 116 14.05 12.79 -31.69
CA TYR C 116 14.09 13.61 -32.87
C TYR C 116 14.19 15.08 -32.42
N ASN C 117 15.13 15.83 -32.97
CA ASN C 117 15.27 17.22 -32.54
C ASN C 117 14.55 18.11 -33.56
N ALA C 118 13.42 18.69 -33.13
CA ALA C 118 12.61 19.58 -34.00
C ALA C 118 13.45 20.70 -34.64
N LYS C 119 14.17 21.46 -33.81
CA LYS C 119 14.96 22.62 -34.28
C LYS C 119 15.94 22.22 -35.38
N THR C 120 16.83 21.24 -35.11
CA THR C 120 17.83 20.84 -36.09
C THR C 120 17.35 19.83 -37.12
N GLY C 121 16.19 19.24 -36.90
CA GLY C 121 15.76 18.12 -37.74
C GLY C 121 16.65 16.86 -37.71
N LYS C 122 17.50 16.72 -36.70
CA LYS C 122 18.41 15.58 -36.59
C LYS C 122 17.77 14.58 -35.64
N PHE C 123 18.04 13.29 -35.90
CA PHE C 123 17.76 12.22 -34.96
C PHE C 123 18.99 12.03 -34.13
N VAL C 124 18.80 12.03 -32.81
CA VAL C 124 19.91 11.94 -31.87
C VAL C 124 19.79 10.65 -31.06
N MET C 125 20.81 9.80 -31.15
CA MET C 125 20.90 8.54 -30.39
C MET C 125 21.86 8.69 -29.20
N TRP C 126 21.36 8.44 -27.98
CA TRP C 126 22.20 8.25 -26.79
C TRP C 126 22.24 6.77 -26.45
N LEU C 127 23.37 6.32 -25.90
CA LEU C 127 23.55 4.94 -25.52
C LEU C 127 24.62 4.83 -24.45
N HIS C 128 24.63 3.68 -23.79
CA HIS C 128 25.60 3.38 -22.75
C HIS C 128 26.76 2.72 -23.47
N LEU C 129 27.93 3.33 -23.40
CA LEU C 129 29.12 2.79 -24.06
C LEU C 129 30.13 2.43 -22.99
N GLU C 130 30.78 1.30 -23.17
CA GLU C 130 31.94 0.95 -22.42
C GLU C 130 33.02 0.62 -23.46
N LEU C 131 34.24 1.14 -23.26
CA LEU C 131 35.32 0.98 -24.22
C LEU C 131 35.81 -0.49 -24.28
N LYS C 132 36.22 -0.92 -25.46
CA LYS C 132 36.83 -2.26 -25.70
C LYS C 132 37.95 -2.57 -24.68
N GLY C 133 37.87 -3.72 -24.01
CA GLY C 133 38.90 -4.16 -23.07
C GLY C 133 38.93 -3.51 -21.70
N GLN C 134 37.87 -2.79 -21.34
CA GLN C 134 37.80 -2.10 -20.06
C GLN C 134 36.60 -2.58 -19.22
N GLY C 135 36.04 -3.73 -19.60
CA GLY C 135 34.83 -4.25 -18.96
C GLY C 135 33.76 -3.16 -18.83
N TYR C 136 33.23 -2.98 -17.62
CA TYR C 136 32.23 -1.94 -17.34
C TYR C 136 32.79 -0.72 -16.60
N GLY C 137 34.12 -0.59 -16.57
CA GLY C 137 34.82 0.54 -15.91
C GLY C 137 34.51 1.97 -16.39
N PRO C 138 34.55 2.24 -17.71
CA PRO C 138 34.45 3.64 -18.16
C PRO C 138 33.10 4.32 -17.86
N ALA C 139 32.01 3.56 -17.91
CA ALA C 139 30.65 4.07 -17.55
C ALA C 139 30.33 5.41 -18.23
N ARG C 140 30.35 5.35 -19.55
CA ARG C 140 30.15 6.48 -20.40
C ARG C 140 28.78 6.43 -21.05
N ALA C 141 28.30 7.64 -21.34
CA ALA C 141 27.23 7.92 -22.28
C ALA C 141 27.82 8.35 -23.63
N ALA C 142 27.30 7.78 -24.71
CA ALA C 142 27.70 8.15 -26.07
C ALA C 142 26.54 8.76 -26.83
N VAL C 143 26.89 9.64 -27.77
CA VAL C 143 25.91 10.31 -28.60
C VAL C 143 26.32 10.18 -30.07
N ALA C 144 25.28 9.98 -30.89
CA ALA C 144 25.39 9.89 -32.34
C ALA C 144 24.19 10.55 -32.99
N VAL C 145 24.36 10.91 -34.28
CA VAL C 145 23.42 11.76 -34.97
C VAL C 145 23.16 11.24 -36.38
N SER C 146 21.92 11.32 -36.81
CA SER C 146 21.54 10.93 -38.18
C SER C 146 20.53 11.90 -38.77
N ASP C 147 20.50 11.99 -40.12
CA ASP C 147 19.43 12.72 -40.84
C ASP C 147 18.19 11.85 -41.19
N SER C 148 18.33 10.53 -41.13
CA SER C 148 17.24 9.59 -41.37
C SER C 148 16.98 8.77 -40.09
N PRO C 149 15.71 8.40 -39.82
CA PRO C 149 15.43 7.68 -38.55
C PRO C 149 16.18 6.35 -38.44
N ALA C 150 16.26 5.58 -39.52
CA ALA C 150 17.01 4.31 -39.54
C ALA C 150 18.53 4.44 -39.76
N GLY C 151 19.05 5.65 -39.93
CA GLY C 151 20.50 5.84 -39.93
C GLY C 151 20.99 6.13 -41.33
N PRO C 152 22.31 6.14 -41.57
CA PRO C 152 23.33 5.76 -40.59
C PRO C 152 23.54 6.83 -39.52
N TYR C 153 23.69 6.42 -38.27
CA TYR C 153 24.06 7.35 -37.22
C TYR C 153 25.59 7.51 -37.20
N ARG C 154 26.03 8.77 -37.14
CA ARG C 154 27.43 9.13 -36.98
C ARG C 154 27.75 9.34 -35.47
N PHE C 155 28.62 8.49 -34.93
CA PHE C 155 29.14 8.67 -33.57
C PHE C 155 29.81 10.06 -33.43
N ILE C 156 29.42 10.83 -32.42
CA ILE C 156 30.04 12.13 -32.15
C ILE C 156 31.08 12.02 -31.03
N ARG C 157 30.65 11.73 -29.81
CA ARG C 157 31.59 11.58 -28.69
C ARG C 157 31.00 10.72 -27.56
N SER C 158 31.85 10.36 -26.59
CA SER C 158 31.41 9.67 -25.37
C SER C 158 32.16 10.23 -24.21
N GLY C 159 31.59 10.05 -23.04
CA GLY C 159 32.23 10.49 -21.81
C GLY C 159 31.26 10.41 -20.65
N ARG C 160 31.81 10.73 -19.48
CA ARG C 160 31.04 10.85 -18.26
C ARG C 160 30.34 12.20 -18.32
N VAL C 161 29.38 12.42 -17.44
CA VAL C 161 28.39 13.47 -17.60
C VAL C 161 28.71 14.66 -16.76
N ASN C 162 28.71 15.85 -17.36
CA ASN C 162 28.84 17.12 -16.62
C ASN C 162 30.09 17.26 -15.72
N PRO C 163 31.31 17.10 -16.28
CA PRO C 163 32.55 17.31 -15.47
C PRO C 163 32.55 18.64 -14.74
N GLY C 164 33.02 18.65 -13.50
CA GLY C 164 33.04 19.87 -12.67
C GLY C 164 31.74 20.44 -12.10
N ALA C 165 30.57 19.87 -12.39
CA ALA C 165 29.29 20.42 -11.92
C ALA C 165 28.71 19.58 -10.77
N TYR C 166 28.12 20.25 -9.78
CA TYR C 166 27.45 19.58 -8.67
C TYR C 166 25.98 19.41 -9.04
N PRO C 167 25.28 18.41 -8.46
CA PRO C 167 23.85 18.34 -8.68
C PRO C 167 23.18 19.51 -7.98
N LEU C 168 22.16 20.07 -8.61
CA LEU C 168 21.43 21.21 -8.09
C LEU C 168 20.81 20.95 -6.70
N ASN C 169 20.46 19.69 -6.40
CA ASN C 169 19.73 19.40 -5.17
C ASN C 169 20.69 18.83 -4.12
N MET C 170 21.99 18.77 -4.39
CA MET C 170 22.97 18.45 -3.36
C MET C 170 23.17 19.69 -2.52
N THR C 171 22.87 19.61 -1.23
CA THR C 171 22.85 20.81 -0.37
C THR C 171 24.25 21.38 -0.12
N ARG C 172 24.31 22.64 0.30
CA ARG C 172 25.62 23.30 0.56
C ARG C 172 26.46 22.57 1.62
N LYS C 173 25.80 22.10 2.66
CA LYS C 173 26.48 21.34 3.71
C LYS C 173 27.12 20.10 3.11
N GLU C 174 26.36 19.38 2.27
CA GLU C 174 26.83 18.15 1.58
C GLU C 174 28.00 18.43 0.66
N ARG C 175 27.95 19.54 -0.05
CA ARG C 175 29.06 19.92 -0.91
C ARG C 175 30.33 20.18 -0.11
N LYS C 176 30.16 20.70 1.12
CA LYS C 176 31.29 21.02 2.02
C LYS C 176 31.92 19.77 2.66
N MET C 177 31.16 18.68 2.83
CA MET C 177 31.65 17.44 3.44
C MET C 177 32.87 16.93 2.69
N LYS C 178 33.76 16.26 3.42
CA LYS C 178 35.05 15.77 2.92
C LYS C 178 35.13 14.27 3.21
N TRP C 179 35.54 13.46 2.23
CA TRP C 179 35.56 12.00 2.38
C TRP C 179 36.96 11.52 2.09
N ASN C 180 37.55 10.80 3.05
CA ASN C 180 38.88 10.27 2.87
C ASN C 180 38.74 8.88 2.25
N PRO C 181 39.23 8.68 1.01
CA PRO C 181 39.06 7.37 0.35
C PRO C 181 39.56 6.14 1.14
N GLU C 182 40.60 6.31 1.96
CA GLU C 182 41.14 5.21 2.78
C GLU C 182 40.19 4.75 3.90
N GLU C 183 39.32 5.62 4.39
CA GLU C 183 38.37 5.23 5.46
C GLU C 183 37.13 4.48 4.94
N TYR C 184 36.87 4.51 3.63
CA TYR C 184 35.65 3.89 3.08
C TYR C 184 35.94 2.85 2.01
N LYS C 185 37.04 2.10 2.13
CA LYS C 185 37.42 1.08 1.16
C LYS C 185 36.40 -0.08 1.13
N GLU C 186 35.92 -0.49 2.30
CA GLU C 186 34.95 -1.59 2.39
C GLU C 186 33.54 -1.12 2.02
N TRP C 187 33.00 -1.70 0.94
CA TRP C 187 31.63 -1.40 0.50
C TRP C 187 30.60 -2.06 1.40
N TRP C 188 29.45 -1.40 1.47
CA TRP C 188 28.27 -1.84 2.22
C TRP C 188 28.34 -1.81 3.76
N THR C 189 29.36 -1.16 4.33
CA THR C 189 29.40 -0.83 5.75
C THR C 189 28.45 0.35 6.00
N PRO C 190 27.91 0.49 7.23
CA PRO C 190 27.10 1.67 7.57
C PRO C 190 27.71 3.01 7.18
N LYS C 191 28.94 3.30 7.64
CA LYS C 191 29.59 4.56 7.27
C LYS C 191 29.63 4.76 5.73
N TRP C 192 29.77 3.67 4.97
CA TRP C 192 29.84 3.75 3.49
C TRP C 192 28.48 4.08 2.82
N TYR C 193 27.38 3.37 3.12
CA TYR C 193 26.07 3.74 2.50
C TYR C 193 25.71 5.20 2.82
N GLU C 194 26.03 5.64 4.03
CA GLU C 194 25.71 6.98 4.47
C GLU C 194 26.55 8.01 3.72
N ALA C 195 27.81 7.66 3.49
CA ALA C 195 28.72 8.51 2.75
C ALA C 195 28.24 8.62 1.30
N ILE C 196 27.83 7.48 0.73
CA ILE C 196 27.20 7.40 -0.62
C ILE C 196 25.95 8.26 -0.69
N ALA C 197 25.05 8.08 0.28
CA ALA C 197 23.82 8.85 0.37
C ALA C 197 24.08 10.35 0.37
N LYS C 198 25.16 10.79 1.06
CA LYS C 198 25.50 12.19 1.20
C LYS C 198 26.38 12.76 0.09
N GLY C 199 26.78 11.90 -0.86
CA GLY C 199 27.42 12.35 -2.10
C GLY C 199 28.88 12.01 -2.26
N MET C 200 29.38 11.02 -1.52
CA MET C 200 30.80 10.66 -1.61
C MET C 200 31.21 10.40 -3.05
N PHE C 201 30.41 9.61 -3.77
CA PHE C 201 30.77 9.24 -5.16
C PHE C 201 30.60 10.39 -6.18
N VAL C 202 29.67 11.31 -5.88
CA VAL C 202 29.49 12.53 -6.62
C VAL C 202 30.80 13.35 -6.59
N LYS C 203 31.27 13.58 -5.36
CA LYS C 203 32.57 14.21 -5.10
C LYS C 203 33.75 13.47 -5.72
N ARG C 204 33.85 12.17 -5.52
CA ARG C 204 34.89 11.40 -6.21
C ARG C 204 34.91 11.66 -7.72
N ASP C 205 33.72 11.72 -8.33
CA ASP C 205 33.59 11.80 -9.80
C ASP C 205 33.45 13.21 -10.37
N LEU C 206 33.41 14.22 -9.51
CA LEU C 206 33.12 15.61 -9.89
C LEU C 206 34.02 16.12 -11.00
N LYS C 207 35.33 15.84 -10.93
CA LYS C 207 36.29 16.38 -11.93
C LYS C 207 36.08 15.84 -13.33
N ASP C 208 36.05 14.53 -13.49
CA ASP C 208 35.89 13.91 -14.81
C ASP C 208 34.46 13.65 -15.22
N GLY C 209 33.53 13.78 -14.30
CA GLY C 209 32.12 13.73 -14.64
C GLY C 209 31.44 12.52 -14.03
N GLN C 210 30.13 12.63 -13.85
CA GLN C 210 29.34 11.56 -13.25
C GLN C 210 29.24 10.32 -14.15
N MET C 211 29.18 9.15 -13.52
CA MET C 211 29.18 7.87 -14.27
C MET C 211 27.82 7.72 -14.89
N SER C 212 27.75 7.05 -16.03
CA SER C 212 26.48 6.79 -16.72
C SER C 212 26.47 5.35 -17.20
N ARG C 213 25.56 4.55 -16.69
CA ARG C 213 25.37 3.21 -17.27
C ARG C 213 23.97 3.01 -17.86
N ASP C 214 23.08 2.24 -17.22
CA ASP C 214 21.71 2.08 -17.75
C ASP C 214 21.10 3.49 -17.87
N MET C 215 20.39 3.75 -18.96
CA MET C 215 19.93 5.10 -19.26
C MET C 215 18.70 5.15 -20.15
N THR C 216 17.99 6.26 -20.09
CA THR C 216 17.00 6.59 -21.06
C THR C 216 17.00 8.08 -21.33
N LEU C 217 16.15 8.44 -22.26
CA LEU C 217 15.93 9.81 -22.70
C LEU C 217 14.45 10.17 -22.56
N PHE C 218 14.16 11.43 -22.29
CA PHE C 218 12.78 11.90 -22.32
C PHE C 218 12.70 13.35 -22.79
N VAL C 219 11.84 13.62 -23.78
CA VAL C 219 11.63 14.95 -24.31
C VAL C 219 10.33 15.44 -23.68
N ASP C 220 10.38 16.58 -23.00
CA ASP C 220 9.19 17.15 -22.35
C ASP C 220 8.34 18.04 -23.29
N ASP C 221 7.18 18.49 -22.77
CA ASP C 221 6.27 19.45 -23.40
C ASP C 221 6.94 20.69 -23.99
N ASP C 222 7.84 21.24 -23.21
CA ASP C 222 8.52 22.49 -23.54
C ASP C 222 9.74 22.29 -24.45
N GLY C 223 9.93 21.08 -24.97
CA GLY C 223 11.08 20.81 -25.82
C GLY C 223 12.38 20.52 -25.10
N LYS C 224 12.39 20.56 -23.76
CA LYS C 224 13.59 20.24 -23.00
C LYS C 224 13.74 18.72 -22.98
N ALA C 225 14.91 18.24 -23.36
CA ALA C 225 15.25 16.83 -23.24
C ALA C 225 16.08 16.54 -22.01
N TYR C 226 15.89 15.34 -21.47
CA TYR C 226 16.56 14.93 -20.27
C TYR C 226 17.18 13.56 -20.49
N HIS C 227 18.38 13.41 -19.95
CA HIS C 227 19.12 12.15 -19.95
C HIS C 227 19.05 11.63 -18.51
N ILE C 228 18.47 10.45 -18.38
CA ILE C 228 18.23 9.79 -17.08
C ILE C 228 19.09 8.52 -17.06
N TYR C 229 19.97 8.42 -16.07
CA TYR C 229 20.97 7.36 -16.04
C TYR C 229 21.35 7.00 -14.62
N SER C 230 21.69 5.70 -14.44
CA SER C 230 22.28 5.20 -13.22
CA SER C 230 22.27 5.16 -13.22
C SER C 230 23.73 5.60 -13.15
N SER C 231 24.09 6.24 -12.03
CA SER C 231 25.36 6.87 -11.80
C SER C 231 25.90 6.38 -10.45
N GLU C 232 27.07 6.91 -10.05
CA GLU C 232 27.71 6.56 -8.76
C GLU C 232 27.87 5.05 -8.55
N ASP C 233 28.57 4.40 -9.46
CA ASP C 233 28.66 2.92 -9.48
C ASP C 233 27.30 2.23 -9.40
N ASN C 234 26.38 2.72 -10.21
CA ASN C 234 25.02 2.21 -10.33
C ASN C 234 24.18 2.53 -9.10
N LEU C 235 24.70 3.21 -8.09
CA LEU C 235 23.97 3.33 -6.81
C LEU C 235 22.87 4.37 -6.81
N THR C 236 22.98 5.34 -7.71
CA THR C 236 22.11 6.52 -7.69
C THR C 236 21.62 6.91 -9.09
N LEU C 237 20.33 7.26 -9.18
CA LEU C 237 19.80 7.79 -10.43
C LEU C 237 20.13 9.27 -10.51
N GLN C 238 20.50 9.71 -11.71
CA GLN C 238 20.62 11.16 -12.04
C GLN C 238 19.79 11.52 -13.30
N ILE C 239 19.28 12.77 -13.30
CA ILE C 239 18.46 13.33 -14.38
C ILE C 239 19.16 14.61 -14.76
N ALA C 240 19.69 14.64 -15.98
CA ALA C 240 20.49 15.73 -16.50
C ALA C 240 19.77 16.35 -17.72
N GLU C 241 19.65 17.68 -17.69
CA GLU C 241 19.15 18.45 -18.83
C GLU C 241 20.15 18.42 -20.03
N LEU C 242 19.59 18.20 -21.21
CA LEU C 242 20.38 18.25 -22.42
C LEU C 242 20.35 19.66 -23.03
N ALA C 243 21.37 19.95 -23.82
CA ALA C 243 21.44 21.17 -24.61
C ALA C 243 20.37 21.21 -25.68
N ASP C 244 20.12 22.39 -26.27
CA ASP C 244 18.98 22.56 -27.19
C ASP C 244 19.04 21.69 -28.46
N ASP C 245 20.24 21.26 -28.87
CA ASP C 245 20.38 20.34 -30.01
C ASP C 245 20.45 18.86 -29.61
N TYR C 246 20.38 18.60 -28.31
CA TYR C 246 20.37 17.28 -27.69
C TYR C 246 21.72 16.58 -27.73
N LEU C 247 22.80 17.31 -28.05
CA LEU C 247 24.08 16.68 -28.34
C LEU C 247 25.07 16.71 -27.18
N SER C 248 24.67 17.36 -26.08
CA SER C 248 25.53 17.59 -24.91
C SER C 248 24.64 17.95 -23.70
N HIS C 249 25.25 18.02 -22.51
CA HIS C 249 24.51 18.27 -21.25
C HIS C 249 24.72 19.72 -20.90
N THR C 250 23.77 20.34 -20.21
CA THR C 250 23.89 21.79 -19.88
C THR C 250 24.66 22.11 -18.58
N GLY C 251 24.85 21.12 -17.72
CA GLY C 251 25.43 21.31 -16.39
C GLY C 251 24.39 21.17 -15.28
N LYS C 252 23.09 21.27 -15.64
CA LYS C 252 22.03 21.17 -14.65
C LYS C 252 21.51 19.72 -14.52
N TYR C 253 21.58 19.19 -13.30
CA TYR C 253 21.16 17.80 -13.01
C TYR C 253 20.79 17.65 -11.54
N ILE C 254 20.03 16.61 -11.25
CA ILE C 254 19.76 16.22 -9.89
C ILE C 254 20.10 14.77 -9.73
N ARG C 255 20.18 14.38 -8.47
CA ARG C 255 20.47 13.04 -8.06
C ARG C 255 19.30 12.64 -7.18
N ILE C 256 18.76 11.43 -7.42
CA ILE C 256 17.60 10.95 -6.64
C ILE C 256 17.87 9.53 -6.20
N PHE C 257 17.26 9.15 -5.08
CA PHE C 257 17.36 7.78 -4.47
C PHE C 257 18.77 7.26 -4.37
N PRO C 258 19.62 7.99 -3.65
CA PRO C 258 21.02 7.58 -3.60
C PRO C 258 21.19 6.32 -2.76
N GLY C 259 21.95 5.36 -3.26
CA GLY C 259 21.98 4.05 -2.69
C GLY C 259 20.81 3.13 -3.03
N GLY C 260 19.77 3.63 -3.71
CA GLY C 260 18.62 2.84 -4.08
C GLY C 260 18.84 1.73 -5.11
N HIS C 261 19.93 1.81 -5.88
CA HIS C 261 20.20 0.77 -6.91
C HIS C 261 19.07 0.66 -7.97
N ASN C 262 18.46 1.79 -8.33
CA ASN C 262 17.47 1.82 -9.39
C ASN C 262 18.17 1.68 -10.73
N GLU C 263 17.76 0.69 -11.52
CA GLU C 263 18.37 0.48 -12.83
C GLU C 263 17.32 0.50 -13.92
N ALA C 264 17.79 0.47 -15.17
CA ALA C 264 16.91 0.35 -16.34
C ALA C 264 15.68 1.24 -16.26
N PRO C 265 15.88 2.56 -16.13
CA PRO C 265 14.76 3.46 -16.04
C PRO C 265 13.95 3.59 -17.34
N ALA C 266 12.63 3.62 -17.20
CA ALA C 266 11.71 4.00 -18.29
C ALA C 266 10.76 5.04 -17.70
N ILE C 267 10.43 6.04 -18.46
CA ILE C 267 9.73 7.21 -17.94
C ILE C 267 8.63 7.62 -18.89
N PHE C 268 7.53 8.13 -18.33
CA PHE C 268 6.56 8.84 -19.13
C PHE C 268 5.92 9.95 -18.31
N LYS C 269 5.15 10.77 -18.97
CA LYS C 269 4.43 11.87 -18.33
C LYS C 269 2.99 11.78 -18.70
N LYS C 270 2.10 11.90 -17.70
CA LYS C 270 0.69 11.88 -17.96
C LYS C 270 0.00 12.99 -17.17
N GLU C 271 -0.76 13.81 -17.86
CA GLU C 271 -1.57 14.87 -17.24
C GLU C 271 -0.71 15.58 -16.19
N GLY C 272 0.50 15.94 -16.61
CA GLY C 272 1.40 16.75 -15.79
C GLY C 272 2.25 16.06 -14.76
N THR C 273 2.04 14.76 -14.53
CA THR C 273 2.79 14.02 -13.57
C THR C 273 3.78 13.08 -14.25
N TYR C 274 5.00 13.04 -13.73
CA TYR C 274 6.04 12.14 -14.28
C TYR C 274 5.96 10.83 -13.50
N TRP C 275 6.19 9.74 -14.23
CA TRP C 275 6.15 8.39 -13.70
C TRP C 275 7.36 7.67 -14.29
N MET C 276 8.15 7.03 -13.45
CA MET C 276 9.32 6.28 -13.88
C MET C 276 9.25 4.88 -13.28
N ILE C 277 9.56 3.87 -14.08
CA ILE C 277 9.58 2.48 -13.64
C ILE C 277 11.03 2.02 -13.78
N THR C 278 11.58 1.44 -12.73
CA THR C 278 12.97 0.94 -12.72
C THR C 278 13.02 -0.48 -12.18
N SER C 279 14.11 -1.15 -12.45
CA SER C 279 14.43 -2.37 -11.76
C SER C 279 15.42 -2.11 -10.62
N GLY C 280 15.61 -3.14 -9.81
CA GLY C 280 16.70 -3.28 -8.90
C GLY C 280 17.96 -3.67 -9.67
N CYS C 281 19.02 -3.89 -8.93
CA CYS C 281 20.33 -4.24 -9.45
C CYS C 281 20.61 -5.68 -9.02
N THR C 282 20.11 -6.64 -9.78
CA THR C 282 20.39 -8.05 -9.49
C THR C 282 20.93 -8.79 -10.72
N GLY C 283 21.79 -8.11 -11.47
CA GLY C 283 22.39 -8.68 -12.69
C GLY C 283 21.34 -8.99 -13.74
N TRP C 284 21.39 -10.23 -14.26
CA TRP C 284 20.42 -10.69 -15.25
C TRP C 284 19.13 -11.22 -14.60
N ASP C 285 19.08 -11.37 -13.27
CA ASP C 285 17.92 -11.97 -12.57
C ASP C 285 16.80 -10.95 -12.47
N PRO C 286 15.57 -11.33 -12.85
CA PRO C 286 14.41 -10.47 -12.67
C PRO C 286 14.21 -10.18 -11.20
N ASN C 287 13.76 -8.98 -10.87
CA ASN C 287 13.55 -8.56 -9.48
C ASN C 287 12.26 -7.71 -9.47
N LYS C 288 11.91 -7.18 -8.30
CA LYS C 288 10.74 -6.33 -8.16
C LYS C 288 10.95 -4.97 -8.83
N ALA C 289 10.02 -4.56 -9.68
CA ALA C 289 10.02 -3.20 -10.24
C ALA C 289 9.67 -2.17 -9.19
N ARG C 290 10.17 -0.95 -9.40
CA ARG C 290 9.86 0.19 -8.59
C ARG C 290 9.16 1.24 -9.43
N LEU C 291 8.21 1.95 -8.82
CA LEU C 291 7.53 3.04 -9.49
C LEU C 291 7.98 4.29 -8.75
N LEU C 292 8.54 5.25 -9.50
CA LEU C 292 8.92 6.55 -8.99
C LEU C 292 8.02 7.62 -9.65
N THR C 293 7.79 8.72 -8.93
CA THR C 293 6.95 9.80 -9.39
C THR C 293 7.40 11.16 -8.89
N ALA C 294 7.21 12.19 -9.71
CA ALA C 294 7.39 13.59 -9.36
C ALA C 294 6.41 14.48 -10.14
N ASP C 295 6.20 15.68 -9.60
CA ASP C 295 5.35 16.68 -10.24
C ASP C 295 6.17 17.70 -11.06
N SER C 296 7.46 17.42 -11.18
CA SER C 296 8.40 18.32 -11.80
C SER C 296 9.63 17.46 -12.10
N MET C 297 10.20 17.58 -13.30
CA MET C 297 11.29 16.69 -13.69
C MET C 297 12.50 16.79 -12.75
N LEU C 298 12.91 18.01 -12.41
CA LEU C 298 14.02 18.24 -11.50
C LEU C 298 13.61 18.60 -10.07
N GLY C 299 12.36 18.29 -9.72
CA GLY C 299 11.87 18.43 -8.35
C GLY C 299 12.04 17.12 -7.54
N GLU C 300 11.26 16.98 -6.48
CA GLU C 300 11.45 15.89 -5.55
C GLU C 300 10.69 14.71 -6.07
N TRP C 301 11.36 13.57 -6.08
CA TRP C 301 10.78 12.30 -6.51
C TRP C 301 10.46 11.43 -5.31
N LYS C 302 9.39 10.67 -5.44
CA LYS C 302 8.95 9.72 -4.40
C LYS C 302 8.87 8.31 -4.93
N GLN C 303 9.06 7.35 -4.04
CA GLN C 303 9.04 5.94 -4.39
C GLN C 303 7.74 5.32 -3.92
N LEU C 304 7.05 4.69 -4.89
CA LEU C 304 5.78 4.02 -4.66
C LEU C 304 6.00 2.50 -4.82
N PRO C 305 5.02 1.70 -4.37
CA PRO C 305 5.11 0.27 -4.58
C PRO C 305 5.21 -0.21 -6.03
N ASN C 306 5.72 -1.44 -6.17
CA ASN C 306 5.78 -2.19 -7.42
C ASN C 306 4.53 -1.99 -8.27
N PRO C 307 4.72 -1.51 -9.50
CA PRO C 307 3.59 -1.23 -10.38
C PRO C 307 2.98 -2.46 -11.03
N CYS C 308 3.72 -3.57 -11.06
CA CYS C 308 3.25 -4.83 -11.59
C CYS C 308 2.32 -5.49 -10.61
N VAL C 309 1.24 -6.07 -11.13
CA VAL C 309 0.27 -6.80 -10.32
C VAL C 309 0.00 -8.19 -10.90
N GLY C 310 -0.54 -9.07 -10.06
CA GLY C 310 -0.86 -10.45 -10.40
C GLY C 310 0.32 -11.41 -10.35
N GLU C 311 0.17 -12.52 -11.08
CA GLU C 311 1.14 -13.62 -11.02
C GLU C 311 2.52 -13.13 -11.51
N ASP C 312 3.54 -13.45 -10.73
CA ASP C 312 4.94 -13.10 -11.04
C ASP C 312 5.23 -11.60 -11.02
N ALA C 313 4.36 -10.81 -10.37
CA ALA C 313 4.56 -9.39 -10.24
C ALA C 313 5.86 -9.12 -9.49
N ASP C 314 6.18 -9.96 -8.51
CA ASP C 314 7.42 -9.83 -7.77
C ASP C 314 8.71 -10.05 -8.60
N LYS C 315 8.56 -10.47 -9.85
CA LYS C 315 9.68 -10.59 -10.78
C LYS C 315 9.55 -9.68 -12.03
N THR C 316 8.62 -8.73 -12.00
CA THR C 316 8.24 -7.95 -13.18
C THR C 316 7.98 -8.90 -14.37
N PHE C 317 7.22 -9.94 -14.06
CA PHE C 317 6.87 -10.99 -14.99
C PHE C 317 8.09 -11.65 -15.71
N GLY C 318 9.22 -11.77 -15.01
CA GLY C 318 10.45 -12.36 -15.58
C GLY C 318 11.17 -11.42 -16.53
N GLY C 319 10.79 -10.14 -16.51
CA GLY C 319 11.36 -9.12 -17.35
C GLY C 319 12.09 -8.01 -16.61
N GLN C 320 12.65 -7.07 -17.38
CA GLN C 320 13.30 -5.84 -16.89
C GLN C 320 12.88 -4.66 -17.78
N SER C 321 12.42 -3.58 -17.16
CA SER C 321 11.96 -2.42 -17.93
C SER C 321 13.02 -1.96 -18.97
N THR C 322 12.53 -1.53 -20.12
CA THR C 322 13.36 -0.80 -21.09
C THR C 322 12.77 0.48 -21.62
N TYR C 323 11.45 0.59 -21.77
CA TYR C 323 10.88 1.79 -22.37
C TYR C 323 9.39 1.88 -22.10
N ILE C 324 8.89 3.11 -22.08
CA ILE C 324 7.46 3.33 -22.09
C ILE C 324 7.08 4.16 -23.35
N LEU C 325 6.30 3.55 -24.25
CA LEU C 325 5.91 4.17 -25.50
C LEU C 325 4.61 4.89 -25.27
N PRO C 326 4.59 6.23 -25.43
CA PRO C 326 3.30 6.93 -25.43
C PRO C 326 2.60 6.73 -26.77
N LEU C 327 1.30 6.59 -26.74
CA LEU C 327 0.46 6.63 -27.95
C LEU C 327 -0.48 7.83 -27.74
N PRO C 328 0.03 9.05 -28.02
CA PRO C 328 -0.65 10.26 -27.60
C PRO C 328 -1.95 10.55 -28.37
N GLU C 329 -2.13 9.91 -29.53
CA GLU C 329 -3.40 9.90 -30.26
C GLU C 329 -4.56 9.17 -29.58
N LYS C 330 -4.24 8.23 -28.68
CA LYS C 330 -5.21 7.48 -27.87
C LYS C 330 -5.10 7.84 -26.40
N GLY C 331 -4.11 8.66 -26.02
CA GLY C 331 -3.80 8.93 -24.59
C GLY C 331 -3.42 7.70 -23.78
N GLN C 332 -2.66 6.81 -24.39
CA GLN C 332 -2.31 5.52 -23.78
C GLN C 332 -0.83 5.39 -23.77
N PHE C 333 -0.35 4.44 -22.98
CA PHE C 333 1.07 4.16 -22.83
C PHE C 333 1.27 2.65 -22.83
N PHE C 334 2.39 2.18 -23.39
CA PHE C 334 2.73 0.74 -23.39
C PHE C 334 4.10 0.52 -22.77
N PHE C 335 4.14 -0.43 -21.86
CA PHE C 335 5.33 -0.76 -21.12
C PHE C 335 6.15 -1.75 -21.94
N MET C 336 7.41 -1.45 -22.21
CA MET C 336 8.29 -2.39 -22.87
C MET C 336 9.36 -2.91 -21.92
N ALA C 337 9.60 -4.22 -21.97
CA ALA C 337 10.60 -4.87 -21.13
C ALA C 337 11.30 -6.00 -21.90
N ASP C 338 12.52 -6.28 -21.51
CA ASP C 338 13.24 -7.44 -22.02
C ASP C 338 13.07 -8.57 -21.08
N MET C 339 12.91 -9.78 -21.62
CA MET C 339 12.95 -11.02 -20.84
C MET C 339 14.31 -11.69 -21.19
N TRP C 340 15.32 -11.43 -20.37
CA TRP C 340 16.72 -11.75 -20.68
C TRP C 340 17.01 -13.24 -20.56
N ARG C 341 17.83 -13.76 -21.47
CA ARG C 341 18.29 -15.13 -21.38
C ARG C 341 19.78 -15.04 -21.46
N PRO C 342 20.42 -14.88 -20.31
CA PRO C 342 21.86 -14.57 -20.34
C PRO C 342 22.78 -15.60 -21.00
N LYS C 343 22.36 -16.86 -21.03
CA LYS C 343 23.13 -17.93 -21.64
C LYS C 343 22.98 -17.95 -23.17
N SER C 344 21.96 -17.24 -23.70
CA SER C 344 21.78 -17.05 -25.14
C SER C 344 21.04 -15.76 -25.40
N LEU C 345 21.78 -14.65 -25.33
CA LEU C 345 21.15 -13.31 -25.31
C LEU C 345 20.31 -13.00 -26.53
N ALA C 346 20.72 -13.51 -27.70
CA ALA C 346 19.88 -13.46 -28.91
C ALA C 346 18.49 -14.12 -28.73
N ASP C 347 18.35 -15.07 -27.80
CA ASP C 347 17.04 -15.68 -27.55
C ASP C 347 16.19 -14.89 -26.57
N SER C 348 16.70 -13.78 -26.03
CA SER C 348 15.90 -12.94 -25.15
C SER C 348 14.60 -12.46 -25.82
N ARG C 349 13.52 -12.43 -25.04
CA ARG C 349 12.20 -12.13 -25.55
C ARG C 349 11.79 -10.75 -25.09
N TYR C 350 10.61 -10.34 -25.53
CA TYR C 350 10.09 -9.03 -25.31
C TYR C 350 8.79 -9.13 -24.58
N ILE C 351 8.56 -8.25 -23.62
CA ILE C 351 7.33 -8.19 -22.87
C ILE C 351 6.71 -6.81 -23.11
N TRP C 352 5.62 -6.74 -23.88
CA TRP C 352 4.94 -5.47 -24.13
C TRP C 352 3.53 -5.56 -23.58
N LEU C 353 3.19 -4.58 -22.74
CA LEU C 353 1.95 -4.60 -21.98
C LEU C 353 1.37 -3.21 -21.83
N PRO C 354 0.03 -3.08 -21.91
CA PRO C 354 -0.55 -1.77 -21.60
C PRO C 354 -0.29 -1.29 -20.21
N VAL C 355 -0.11 0.02 -20.07
CA VAL C 355 -0.13 0.66 -18.77
C VAL C 355 -1.58 1.05 -18.42
N GLN C 356 -2.00 0.63 -17.26
CA GLN C 356 -3.37 0.85 -16.79
C GLN C 356 -3.32 1.79 -15.62
N PHE C 357 -4.44 2.36 -15.24
CA PHE C 357 -4.43 3.35 -14.17
C PHE C 357 -5.55 3.08 -13.22
N ASP C 358 -5.28 3.15 -11.92
CA ASP C 358 -6.30 2.92 -10.90
C ASP C 358 -7.10 4.20 -10.72
N ASP C 359 -8.12 4.15 -9.87
CA ASP C 359 -9.01 5.31 -9.64
C ASP C 359 -8.24 6.57 -9.22
N LYS C 360 -7.18 6.42 -8.45
CA LYS C 360 -6.37 7.57 -8.05
C LYS C 360 -5.30 8.01 -9.10
N GLY C 361 -5.34 7.49 -10.31
CA GLY C 361 -4.36 7.88 -11.33
C GLY C 361 -3.02 7.15 -11.31
N VAL C 362 -2.78 6.23 -10.39
CA VAL C 362 -1.45 5.61 -10.28
C VAL C 362 -1.33 4.45 -11.27
N PRO C 363 -0.23 4.45 -12.07
CA PRO C 363 -0.10 3.41 -13.08
C PRO C 363 0.14 2.01 -12.50
N PHE C 364 -0.42 1.01 -13.16
CA PHE C 364 -0.11 -0.38 -12.85
C PHE C 364 -0.08 -1.20 -14.12
N ILE C 365 0.63 -2.31 -14.08
CA ILE C 365 0.80 -3.17 -15.24
C ILE C 365 0.34 -4.60 -14.91
N LYS C 366 -0.57 -5.14 -15.71
CA LYS C 366 -0.96 -6.53 -15.59
C LYS C 366 -0.64 -7.29 -16.87
N TRP C 367 -0.30 -8.55 -16.69
CA TRP C 367 0.07 -9.42 -17.79
C TRP C 367 -1.19 -9.82 -18.58
N MET C 368 -1.04 -9.90 -19.90
CA MET C 368 -2.07 -10.36 -20.82
C MET C 368 -1.30 -11.18 -21.88
N ASP C 369 -1.80 -12.36 -22.20
CA ASP C 369 -1.08 -13.26 -23.14
C ASP C 369 -1.01 -12.69 -24.55
N ARG C 370 -2.14 -12.11 -25.00
CA ARG C 370 -2.28 -11.55 -26.32
C ARG C 370 -3.32 -10.45 -26.27
N TRP C 371 -2.91 -9.23 -26.56
CA TRP C 371 -3.79 -8.06 -26.53
C TRP C 371 -3.54 -7.26 -27.82
N ASN C 372 -4.50 -6.41 -28.16
CA ASN C 372 -4.44 -5.61 -29.40
C ASN C 372 -4.69 -4.19 -28.99
N PHE C 373 -4.30 -3.24 -29.83
CA PHE C 373 -4.44 -1.79 -29.54
C PHE C 373 -5.89 -1.29 -29.71
#